data_9NXF
#
_entry.id   9NXF
#
_cell.length_a   224.079
_cell.length_b   49.585
_cell.length_c   158.895
_cell.angle_alpha   90.000
_cell.angle_beta   128.720
_cell.angle_gamma   90.000
#
_symmetry.space_group_name_H-M   'C 1 2 1'
#
loop_
_entity.id
_entity.type
_entity.pdbx_description
1 polymer 'Protein phosphatase 3 catalytic subunit alpha'
2 polymer 'Calcineurin subunit B type 1'
3 polymer 'IkB-like protein,Mitogen-activated protein kinase kinase kinase 7'
4 non-polymer 'FE (III) ION'
5 non-polymer DI(HYDROXYETHYL)ETHER
6 non-polymer 'CALCIUM ION'
7 non-polymer GLYCEROL
8 water water
#
loop_
_entity_poly.entity_id
_entity_poly.type
_entity_poly.pdbx_seq_one_letter_code
_entity_poly.pdbx_strand_id
1 'polypeptide(L)'
;MSEPKAIDPKLSTTDRVVKAVPFPPSHRLTAKEVFDNDGKPRVDILKAHLMKEGRLEESVALRIITEGASILRQEKNLLD
IDAPVTVCGAIHGQFFDLMKLFEVGGSPANTRYLFLGDYVDRGYFSIECVLYLWALKILYPKTLFLLRGNHECRHLTEYF
TFKQECKIKYSERVYDACMDAFDCLPLAALMNQQFLCVHGGLSPEINTLDDIRKLDRFKEPPAYGPMCDILWSDPLEDFG
NEKTQEHFTHNTVRGCSYFYSYPAVCEFLQHNNLLSILRAHEAQDAGYRMYRKSQTTGFPSLITIFSAPNYLDVYNNKAA
VLKYENNVMNIRQFNCSPHPYWLPNFMDVFTWSLPFVGEKVTEMLVNVLN
;
A,D
2 'polypeptide(L)'
;MDADEIKRLGKRFKKLDLDNSGSLSVEEFMSLPELQQNPLVQRVIDIFDTDGNGEVDFKEFIEGVSQFSVKGDKEQKLRF
AFRIYDMDKDGYISNGELFQVLKMMVGNNLKDTQLQQIVDKTIINADKDGDGRISFEEFCAVVGGLDIHKKMVVDV
;
B,E
3 'polypeptide(L)' GHMRRFKKKPKIIITGCEDNVYEKLPEQNSNFLDVPEIVISGNGQPRRR(2RX)IRP C,F
#
# COMPACT_ATOMS: atom_id res chain seq x y z
N THR A 14 -22.00 -28.29 1.19
CA THR A 14 -23.17 -29.16 1.16
C THR A 14 -24.32 -28.49 0.41
N ASP A 15 -24.09 -27.25 -0.03
CA ASP A 15 -25.09 -26.46 -0.75
C ASP A 15 -24.46 -25.86 -2.00
N ARG A 16 -23.97 -26.73 -2.89
CA ARG A 16 -23.35 -26.32 -4.14
C ARG A 16 -24.00 -27.11 -5.26
N VAL A 17 -24.74 -26.41 -6.13
CA VAL A 17 -25.54 -27.09 -7.14
C VAL A 17 -24.65 -27.69 -8.22
N VAL A 18 -23.72 -26.90 -8.75
CA VAL A 18 -22.86 -27.32 -9.85
C VAL A 18 -21.52 -27.79 -9.29
N LYS A 19 -21.12 -29.00 -9.67
CA LYS A 19 -19.81 -29.54 -9.33
C LYS A 19 -18.93 -29.73 -10.57
N ALA A 20 -19.43 -29.37 -11.75
CA ALA A 20 -18.65 -29.55 -12.98
C ALA A 20 -17.50 -28.57 -13.10
N VAL A 21 -17.51 -27.49 -12.32
CA VAL A 21 -16.41 -26.54 -12.29
C VAL A 21 -15.66 -26.70 -10.98
N PRO A 22 -14.35 -26.53 -10.95
CA PRO A 22 -13.60 -26.71 -9.70
C PRO A 22 -13.83 -25.54 -8.75
N PHE A 23 -14.05 -25.87 -7.49
CA PHE A 23 -14.17 -24.85 -6.45
C PHE A 23 -12.80 -24.25 -6.16
N PRO A 24 -12.58 -22.96 -6.39
CA PRO A 24 -11.24 -22.39 -6.21
C PRO A 24 -10.79 -22.46 -4.77
N PRO A 25 -9.51 -22.75 -4.53
CA PRO A 25 -9.02 -22.82 -3.15
C PRO A 25 -8.90 -21.44 -2.52
N SER A 26 -9.04 -21.41 -1.20
CA SER A 26 -8.93 -20.17 -0.43
C SER A 26 -7.60 -20.05 0.31
N HIS A 27 -6.85 -21.13 0.43
CA HIS A 27 -5.56 -21.10 1.13
C HIS A 27 -4.56 -20.27 0.35
N ARG A 28 -4.18 -19.12 0.90
CA ARG A 28 -3.15 -18.30 0.30
C ARG A 28 -1.79 -18.98 0.47
N LEU A 29 -1.05 -19.12 -0.63
CA LEU A 29 0.26 -19.73 -0.56
C LEU A 29 1.19 -18.89 0.30
N THR A 30 1.93 -19.55 1.19
CA THR A 30 2.82 -18.87 2.11
C THR A 30 4.20 -18.71 1.47
N ALA A 31 5.11 -18.07 2.23
CA ALA A 31 6.48 -17.90 1.74
C ALA A 31 7.27 -19.19 1.75
N LYS A 32 6.85 -20.18 2.55
CA LYS A 32 7.54 -21.45 2.60
C LYS A 32 7.06 -22.42 1.52
N GLU A 33 5.83 -22.27 1.05
CA GLU A 33 5.31 -23.13 0.00
C GLU A 33 5.72 -22.69 -1.39
N VAL A 34 6.14 -21.43 -1.56
CA VAL A 34 6.53 -20.89 -2.85
C VAL A 34 8.04 -20.86 -3.01
N PHE A 35 8.76 -20.38 -1.99
CA PHE A 35 10.20 -20.26 -2.03
C PHE A 35 10.85 -21.42 -1.30
N ASP A 36 11.97 -21.91 -1.84
CA ASP A 36 12.68 -23.03 -1.26
C ASP A 36 13.67 -22.52 -0.22
N ASN A 37 14.70 -23.31 0.09
CA ASN A 37 15.72 -22.92 1.05
C ASN A 37 16.86 -22.12 0.43
N ASP A 38 16.89 -21.99 -0.90
CA ASP A 38 17.91 -21.22 -1.60
C ASP A 38 17.36 -19.95 -2.21
N GLY A 39 16.16 -19.52 -1.81
CA GLY A 39 15.55 -18.34 -2.40
C GLY A 39 15.03 -18.52 -3.79
N LYS A 40 14.88 -19.76 -4.28
CA LYS A 40 14.39 -20.02 -5.62
C LYS A 40 12.90 -20.31 -5.57
N PRO A 41 12.08 -19.59 -6.34
CA PRO A 41 10.64 -19.86 -6.32
C PRO A 41 10.31 -21.20 -6.96
N ARG A 42 9.43 -21.95 -6.31
CA ARG A 42 8.97 -23.23 -6.83
C ARG A 42 7.87 -22.97 -7.84
N VAL A 43 8.20 -23.03 -9.14
CA VAL A 43 7.24 -22.72 -10.18
C VAL A 43 6.20 -23.83 -10.33
N ASP A 44 6.50 -25.05 -9.89
CA ASP A 44 5.54 -26.15 -9.99
C ASP A 44 4.37 -25.93 -9.05
N ILE A 45 4.64 -25.56 -7.80
CA ILE A 45 3.56 -25.23 -6.88
C ILE A 45 2.83 -23.98 -7.33
N LEU A 46 3.54 -23.05 -7.98
CA LEU A 46 2.92 -21.81 -8.42
C LEU A 46 1.94 -22.06 -9.56
N LYS A 47 2.38 -22.80 -10.58
CA LYS A 47 1.51 -23.07 -11.72
C LYS A 47 0.26 -23.84 -11.31
N ALA A 48 0.44 -24.90 -10.52
CA ALA A 48 -0.70 -25.71 -10.11
C ALA A 48 -1.69 -24.90 -9.27
N HIS A 49 -1.16 -23.99 -8.44
CA HIS A 49 -2.04 -23.19 -7.60
C HIS A 49 -2.70 -22.06 -8.37
N LEU A 50 -1.95 -21.40 -9.27
CA LEU A 50 -2.50 -20.29 -10.02
C LEU A 50 -3.56 -20.75 -11.01
N MET A 51 -3.36 -21.92 -11.62
CA MET A 51 -4.34 -22.45 -12.57
C MET A 51 -5.64 -22.84 -11.89
N LYS A 52 -5.61 -23.16 -10.60
CA LYS A 52 -6.84 -23.38 -9.85
C LYS A 52 -7.47 -22.09 -9.37
N GLU A 53 -7.01 -20.94 -9.90
CA GLU A 53 -7.44 -19.62 -9.43
C GLU A 53 -7.14 -19.44 -7.95
N GLY A 54 -5.98 -19.94 -7.51
CA GLY A 54 -5.56 -19.79 -6.13
C GLY A 54 -4.67 -18.57 -5.94
N ARG A 55 -4.93 -17.84 -4.87
CA ARG A 55 -4.21 -16.62 -4.57
C ARG A 55 -2.97 -16.90 -3.72
N LEU A 56 -2.04 -15.95 -3.72
CA LEU A 56 -0.85 -16.00 -2.90
C LEU A 56 -0.97 -15.00 -1.77
N GLU A 57 -0.14 -15.17 -0.74
CA GLU A 57 -0.07 -14.19 0.33
C GLU A 57 0.50 -12.89 -0.21
N GLU A 58 -0.04 -11.76 0.26
CA GLU A 58 0.36 -10.46 -0.27
C GLU A 58 1.85 -10.21 -0.07
N SER A 59 2.42 -10.69 1.03
CA SER A 59 3.86 -10.57 1.22
C SER A 59 4.64 -11.37 0.18
N VAL A 60 4.10 -12.52 -0.23
CA VAL A 60 4.76 -13.32 -1.26
C VAL A 60 4.59 -12.68 -2.62
N ALA A 61 3.40 -12.12 -2.90
CA ALA A 61 3.17 -11.48 -4.19
C ALA A 61 4.06 -10.26 -4.36
N LEU A 62 4.30 -9.51 -3.28
CA LEU A 62 5.22 -8.37 -3.34
C LEU A 62 6.67 -8.82 -3.38
N ARG A 63 6.98 -9.98 -2.80
CA ARG A 63 8.37 -10.45 -2.81
C ARG A 63 8.79 -10.92 -4.20
N ILE A 64 7.88 -11.57 -4.93
CA ILE A 64 8.20 -12.03 -6.27
C ILE A 64 8.38 -10.85 -7.22
N ILE A 65 7.59 -9.80 -7.03
CA ILE A 65 7.70 -8.62 -7.89
C ILE A 65 9.01 -7.89 -7.66
N THR A 66 9.39 -7.71 -6.38
CA THR A 66 10.56 -6.90 -6.06
C THR A 66 11.86 -7.62 -6.45
N GLU A 67 11.99 -8.89 -6.08
CA GLU A 67 13.19 -9.63 -6.43
C GLU A 67 13.35 -9.77 -7.93
N GLY A 68 12.23 -9.85 -8.66
CA GLY A 68 12.31 -9.90 -10.11
C GLY A 68 12.68 -8.55 -10.70
N ALA A 69 12.08 -7.47 -10.19
CA ALA A 69 12.41 -6.13 -10.68
C ALA A 69 13.84 -5.76 -10.39
N SER A 70 14.45 -6.35 -9.34
CA SER A 70 15.86 -6.12 -9.08
C SER A 70 16.72 -6.69 -10.21
N ILE A 71 16.35 -7.86 -10.71
CA ILE A 71 17.07 -8.44 -11.84
C ILE A 71 16.80 -7.65 -13.11
N LEU A 72 15.57 -7.13 -13.27
CA LEU A 72 15.23 -6.35 -14.44
C LEU A 72 15.91 -4.98 -14.43
N ARG A 73 16.10 -4.40 -13.23
CA ARG A 73 16.77 -3.10 -13.15
C ARG A 73 18.24 -3.21 -13.53
N GLN A 74 18.86 -4.37 -13.34
CA GLN A 74 20.26 -4.54 -13.70
C GLN A 74 20.45 -4.65 -15.20
N GLU A 75 19.46 -5.19 -15.92
CA GLU A 75 19.61 -5.45 -17.34
C GLU A 75 19.65 -4.14 -18.13
N LYS A 76 20.24 -4.22 -19.32
CA LYS A 76 20.42 -3.05 -20.16
C LYS A 76 19.15 -2.75 -20.95
N ASN A 77 19.17 -1.60 -21.63
CA ASN A 77 18.03 -1.21 -22.46
C ASN A 77 17.94 -2.10 -23.70
N LEU A 78 19.09 -2.46 -24.27
CA LEU A 78 19.17 -3.30 -25.46
C LEU A 78 19.86 -4.60 -25.06
N LEU A 79 19.10 -5.69 -24.96
CA LEU A 79 19.63 -6.96 -24.49
C LEU A 79 20.34 -7.71 -25.60
N ASP A 80 21.35 -8.48 -25.21
CA ASP A 80 22.07 -9.37 -26.11
C ASP A 80 21.58 -10.79 -25.87
N ILE A 81 20.85 -11.35 -26.84
CA ILE A 81 20.32 -12.70 -26.76
C ILE A 81 20.79 -13.48 -27.98
N ASP A 82 21.24 -14.71 -27.75
CA ASP A 82 21.78 -15.56 -28.80
C ASP A 82 20.89 -16.77 -29.01
N ALA A 83 20.90 -17.29 -30.23
CA ALA A 83 20.12 -18.48 -30.56
C ALA A 83 20.73 -19.71 -29.89
N PRO A 84 19.92 -20.72 -29.57
CA PRO A 84 18.47 -20.83 -29.78
C PRO A 84 17.67 -20.07 -28.72
N VAL A 85 16.58 -19.41 -29.12
CA VAL A 85 15.77 -18.63 -28.19
C VAL A 85 14.37 -18.54 -28.76
N THR A 86 13.38 -18.70 -27.88
CA THR A 86 11.98 -18.57 -28.26
C THR A 86 11.53 -17.12 -28.12
N VAL A 87 10.91 -16.58 -29.16
CA VAL A 87 10.44 -15.21 -29.18
C VAL A 87 8.92 -15.24 -29.08
N CYS A 88 8.38 -14.69 -28.00
CA CYS A 88 6.95 -14.64 -27.77
C CYS A 88 6.40 -13.25 -28.07
N GLY A 89 5.08 -13.21 -28.30
CA GLY A 89 4.40 -11.96 -28.58
C GLY A 89 3.57 -11.49 -27.41
N ALA A 90 2.51 -10.74 -27.69
CA ALA A 90 1.65 -10.22 -26.64
C ALA A 90 0.86 -11.35 -25.98
N ILE A 91 0.89 -11.38 -24.65
CA ILE A 91 0.13 -12.37 -23.89
C ILE A 91 -1.25 -11.85 -23.55
N HIS A 92 -1.33 -10.63 -23.02
CA HIS A 92 -2.59 -9.97 -22.69
C HIS A 92 -3.39 -10.76 -21.66
N GLY A 93 -2.73 -11.12 -20.56
CA GLY A 93 -3.41 -11.70 -19.41
C GLY A 93 -4.12 -13.01 -19.67
N GLN A 94 -3.66 -13.79 -20.66
CA GLN A 94 -4.26 -15.10 -20.95
C GLN A 94 -3.36 -16.17 -20.34
N PHE A 95 -3.49 -16.32 -19.02
CA PHE A 95 -2.59 -17.21 -18.28
C PHE A 95 -2.76 -18.67 -18.69
N PHE A 96 -4.00 -19.08 -18.95
CA PHE A 96 -4.26 -20.46 -19.32
C PHE A 96 -3.85 -20.76 -20.76
N ASP A 97 -3.66 -19.72 -21.58
CA ASP A 97 -2.99 -19.89 -22.88
C ASP A 97 -1.49 -19.74 -22.77
N LEU A 98 -1.00 -19.06 -21.73
CA LEU A 98 0.43 -19.02 -21.46
C LEU A 98 0.98 -20.39 -21.12
N MET A 99 0.17 -21.22 -20.46
CA MET A 99 0.61 -22.58 -20.13
C MET A 99 0.81 -23.42 -21.38
N LYS A 100 0.01 -23.19 -22.42
CA LYS A 100 0.20 -23.89 -23.68
C LYS A 100 1.33 -23.29 -24.49
N LEU A 101 1.60 -22.00 -24.31
CA LEU A 101 2.72 -21.37 -25.01
C LEU A 101 4.05 -21.97 -24.58
N PHE A 102 4.21 -22.24 -23.28
CA PHE A 102 5.46 -22.83 -22.80
C PHE A 102 5.59 -24.29 -23.23
N GLU A 103 4.47 -24.97 -23.49
CA GLU A 103 4.56 -26.33 -24.00
C GLU A 103 4.85 -26.36 -25.50
N VAL A 104 4.46 -25.32 -26.22
CA VAL A 104 4.77 -25.24 -27.64
C VAL A 104 6.20 -24.75 -27.86
N GLY A 105 6.59 -23.70 -27.16
CA GLY A 105 7.92 -23.14 -27.33
C GLY A 105 9.03 -23.84 -26.58
N GLY A 106 8.70 -24.84 -25.78
CA GLY A 106 9.69 -25.56 -25.01
C GLY A 106 9.72 -25.11 -23.55
N SER A 107 10.08 -26.05 -22.68
CA SER A 107 10.09 -25.75 -21.25
C SER A 107 11.14 -24.68 -20.95
N PRO A 108 10.86 -23.74 -20.05
CA PRO A 108 11.84 -22.68 -19.75
C PRO A 108 13.08 -23.19 -19.05
N ALA A 109 13.04 -24.40 -18.47
CA ALA A 109 14.21 -24.94 -17.79
C ALA A 109 15.33 -25.31 -18.76
N ASN A 110 15.02 -25.44 -20.05
CA ASN A 110 16.02 -25.84 -21.04
C ASN A 110 15.88 -25.08 -22.35
N THR A 111 15.21 -23.92 -22.34
CA THR A 111 14.99 -23.15 -23.56
C THR A 111 15.04 -21.68 -23.24
N ARG A 112 15.75 -20.91 -24.05
CA ARG A 112 15.78 -19.46 -23.90
C ARG A 112 14.45 -18.86 -24.35
N TYR A 113 14.07 -17.76 -23.70
CA TYR A 113 12.82 -17.09 -23.98
C TYR A 113 13.03 -15.58 -24.07
N LEU A 114 12.37 -14.96 -25.03
CA LEU A 114 12.36 -13.50 -25.18
C LEU A 114 10.92 -13.06 -25.40
N PHE A 115 10.32 -12.45 -24.38
CA PHE A 115 8.98 -11.91 -24.49
C PHE A 115 9.05 -10.45 -24.93
N LEU A 116 8.04 -10.03 -25.71
CA LEU A 116 8.02 -8.71 -26.30
C LEU A 116 6.96 -7.80 -25.67
N GLY A 117 6.63 -8.05 -24.41
CA GLY A 117 5.77 -7.15 -23.67
C GLY A 117 4.29 -7.48 -23.75
N ASP A 118 3.49 -6.55 -23.24
CA ASP A 118 2.04 -6.64 -23.21
C ASP A 118 1.57 -7.89 -22.45
N TYR A 119 2.02 -7.99 -21.20
CA TYR A 119 1.62 -9.09 -20.34
C TYR A 119 0.34 -8.81 -19.55
N VAL A 120 -0.08 -7.56 -19.49
CA VAL A 120 -1.23 -7.18 -18.66
C VAL A 120 -2.37 -6.69 -19.53
N ASP A 121 -3.49 -6.34 -18.88
CA ASP A 121 -4.67 -5.78 -19.54
C ASP A 121 -5.35 -6.80 -20.45
N ARG A 122 -6.53 -6.42 -20.97
CA ARG A 122 -7.35 -7.26 -21.83
C ARG A 122 -7.78 -8.54 -21.11
N GLY A 123 -6.91 -9.54 -21.07
CA GLY A 123 -7.26 -10.79 -20.42
C GLY A 123 -7.35 -10.62 -18.91
N TYR A 124 -8.33 -11.30 -18.31
CA TYR A 124 -8.62 -11.17 -16.88
C TYR A 124 -7.77 -12.10 -16.02
N PHE A 125 -6.55 -12.40 -16.45
CA PHE A 125 -5.60 -13.17 -15.66
C PHE A 125 -4.22 -12.55 -15.75
N SER A 126 -4.18 -11.22 -15.79
CA SER A 126 -2.91 -10.51 -15.97
C SER A 126 -2.00 -10.68 -14.76
N ILE A 127 -2.55 -10.57 -13.56
CA ILE A 127 -1.71 -10.71 -12.36
C ILE A 127 -1.18 -12.14 -12.24
N GLU A 128 -1.95 -13.12 -12.72
CA GLU A 128 -1.43 -14.49 -12.76
C GLU A 128 -0.28 -14.61 -13.76
N CYS A 129 -0.36 -13.89 -14.88
CA CYS A 129 0.72 -13.91 -15.86
C CYS A 129 1.97 -13.23 -15.32
N VAL A 130 1.79 -12.11 -14.62
CA VAL A 130 2.93 -11.37 -14.09
C VAL A 130 3.66 -12.18 -13.02
N LEU A 131 2.90 -12.75 -12.09
CA LEU A 131 3.52 -13.51 -11.00
C LEU A 131 4.26 -14.74 -11.51
N TYR A 132 3.74 -15.38 -12.56
CA TYR A 132 4.39 -16.58 -13.08
C TYR A 132 5.60 -16.24 -13.94
N LEU A 133 5.50 -15.18 -14.74
CA LEU A 133 6.65 -14.78 -15.55
C LEU A 133 7.74 -14.14 -14.71
N TRP A 134 7.37 -13.41 -13.66
CA TRP A 134 8.36 -12.87 -12.74
C TRP A 134 9.02 -13.98 -11.94
N ALA A 135 8.31 -15.07 -11.66
CA ALA A 135 8.92 -16.19 -10.93
C ALA A 135 9.88 -16.97 -11.81
N LEU A 136 9.59 -17.08 -13.11
CA LEU A 136 10.55 -17.68 -14.02
C LEU A 136 11.75 -16.78 -14.24
N LYS A 137 11.56 -15.47 -14.20
CA LYS A 137 12.68 -14.54 -14.36
C LYS A 137 13.64 -14.67 -13.18
N ILE A 138 13.11 -14.90 -11.98
CA ILE A 138 13.96 -15.12 -10.82
C ILE A 138 14.64 -16.48 -10.90
N LEU A 139 13.90 -17.50 -11.33
CA LEU A 139 14.48 -18.85 -11.35
C LEU A 139 15.43 -19.02 -12.53
N TYR A 140 15.27 -18.23 -13.58
CA TYR A 140 16.13 -18.29 -14.76
C TYR A 140 16.51 -16.86 -15.14
N PRO A 141 17.44 -16.25 -14.39
CA PRO A 141 17.79 -14.84 -14.65
C PRO A 141 18.67 -14.62 -15.86
N LYS A 142 19.19 -15.68 -16.48
CA LYS A 142 20.09 -15.53 -17.62
C LYS A 142 19.56 -16.15 -18.90
N THR A 143 18.49 -16.94 -18.84
CA THR A 143 17.94 -17.58 -20.03
C THR A 143 16.57 -17.07 -20.43
N LEU A 144 15.83 -16.46 -19.52
CA LEU A 144 14.52 -15.90 -19.81
C LEU A 144 14.60 -14.38 -19.75
N PHE A 145 13.96 -13.71 -20.71
CA PHE A 145 14.04 -12.26 -20.82
C PHE A 145 12.67 -11.70 -21.13
N LEU A 146 12.34 -10.58 -20.47
CA LEU A 146 11.04 -9.93 -20.60
C LEU A 146 11.25 -8.49 -21.03
N LEU A 147 10.66 -8.12 -22.18
CA LEU A 147 10.69 -6.75 -22.65
C LEU A 147 9.39 -6.05 -22.29
N ARG A 148 9.37 -4.74 -22.53
CA ARG A 148 8.22 -3.91 -22.16
C ARG A 148 7.34 -3.62 -23.36
N GLY A 149 6.03 -3.60 -23.13
CA GLY A 149 5.07 -3.17 -24.11
C GLY A 149 4.44 -1.84 -23.76
N ASN A 150 3.45 -1.45 -24.55
CA ASN A 150 2.73 -0.21 -24.29
C ASN A 150 1.80 -0.32 -23.09
N HIS A 151 1.40 -1.53 -22.71
CA HIS A 151 0.49 -1.72 -21.59
C HIS A 151 1.19 -1.79 -20.24
N GLU A 152 2.51 -1.95 -20.22
CA GLU A 152 3.26 -2.03 -18.96
C GLU A 152 3.58 -0.63 -18.43
N CYS A 153 2.52 0.15 -18.21
CA CYS A 153 2.66 1.52 -17.73
C CYS A 153 1.56 1.79 -16.70
N ARG A 154 1.55 3.01 -16.18
CA ARG A 154 0.56 3.41 -15.19
C ARG A 154 -0.70 4.01 -15.82
N HIS A 155 -0.64 4.44 -17.08
CA HIS A 155 -1.79 5.09 -17.70
C HIS A 155 -2.78 4.06 -18.25
N LEU A 156 -2.28 3.02 -18.90
CA LEU A 156 -3.17 2.05 -19.53
C LEU A 156 -3.76 1.05 -18.53
N THR A 157 -2.98 0.68 -17.50
CA THR A 157 -3.45 -0.32 -16.55
C THR A 157 -4.62 0.20 -15.72
N GLU A 158 -4.60 1.49 -15.37
CA GLU A 158 -5.74 2.07 -14.67
C GLU A 158 -6.93 2.29 -15.59
N TYR A 159 -6.78 2.04 -16.89
CA TYR A 159 -7.85 2.19 -17.86
C TYR A 159 -8.29 0.87 -18.48
N PHE A 160 -7.47 -0.17 -18.38
CA PHE A 160 -7.76 -1.47 -18.99
C PHE A 160 -7.86 -2.58 -17.94
N THR A 161 -8.45 -2.27 -16.79
CA THR A 161 -8.89 -3.22 -15.78
C THR A 161 -7.74 -4.01 -15.14
N PHE A 162 -6.49 -3.61 -15.32
CA PHE A 162 -5.42 -4.29 -14.59
C PHE A 162 -5.34 -3.81 -13.16
N LYS A 163 -5.52 -2.51 -12.93
CA LYS A 163 -5.58 -2.01 -11.57
C LYS A 163 -6.75 -2.62 -10.82
N GLN A 164 -7.89 -2.76 -11.49
CA GLN A 164 -9.02 -3.45 -10.89
C GLN A 164 -8.71 -4.90 -10.61
N GLU A 165 -7.88 -5.53 -11.47
CA GLU A 165 -7.52 -6.93 -11.25
C GLU A 165 -6.66 -7.10 -10.00
N CYS A 166 -5.74 -6.16 -9.76
CA CYS A 166 -4.91 -6.24 -8.57
C CYS A 166 -5.70 -5.92 -7.31
N LYS A 167 -6.62 -4.95 -7.40
CA LYS A 167 -7.39 -4.53 -6.23
C LYS A 167 -8.42 -5.56 -5.82
N ILE A 168 -8.94 -6.35 -6.77
CA ILE A 168 -9.93 -7.37 -6.44
C ILE A 168 -9.26 -8.64 -5.97
N LYS A 169 -8.30 -9.15 -6.74
CA LYS A 169 -7.63 -10.40 -6.38
C LYS A 169 -6.70 -10.20 -5.19
N TYR A 170 -5.91 -9.12 -5.18
CA TYR A 170 -4.97 -8.86 -4.10
C TYR A 170 -5.25 -7.52 -3.44
N SER A 171 -4.33 -6.57 -3.61
CA SER A 171 -4.49 -5.24 -3.02
C SER A 171 -3.87 -4.21 -3.96
N GLU A 172 -4.19 -2.94 -3.69
CA GLU A 172 -3.62 -1.85 -4.48
C GLU A 172 -2.11 -1.75 -4.30
N ARG A 173 -1.57 -2.29 -3.21
CA ARG A 173 -0.13 -2.28 -3.01
C ARG A 173 0.57 -3.17 -4.04
N VAL A 174 -0.06 -4.26 -4.46
CA VAL A 174 0.50 -5.08 -5.52
C VAL A 174 0.53 -4.31 -6.84
N TYR A 175 -0.50 -3.49 -7.08
CA TYR A 175 -0.53 -2.68 -8.28
C TYR A 175 0.61 -1.66 -8.28
N ASP A 176 0.90 -1.07 -7.11
CA ASP A 176 2.00 -0.12 -7.01
C ASP A 176 3.35 -0.79 -7.24
N ALA A 177 3.48 -2.05 -6.83
CA ALA A 177 4.74 -2.77 -7.05
C ALA A 177 4.94 -3.11 -8.52
N CYS A 178 3.85 -3.35 -9.25
CA CYS A 178 3.97 -3.65 -10.67
C CYS A 178 4.33 -2.41 -11.47
N MET A 179 3.80 -1.26 -11.07
CA MET A 179 4.15 -0.01 -11.75
C MET A 179 5.62 0.35 -11.56
N ASP A 180 6.24 -0.11 -10.48
CA ASP A 180 7.67 0.06 -10.29
C ASP A 180 8.48 -1.08 -10.89
N ALA A 181 7.86 -2.23 -11.13
CA ALA A 181 8.54 -3.34 -11.79
C ALA A 181 8.50 -3.21 -13.31
N PHE A 182 7.43 -2.63 -13.85
CA PHE A 182 7.36 -2.43 -15.30
C PHE A 182 8.35 -1.37 -15.76
N ASP A 183 8.70 -0.41 -14.89
CA ASP A 183 9.69 0.60 -15.25
C ASP A 183 11.07 -0.01 -15.46
N CYS A 184 11.32 -1.20 -14.93
CA CYS A 184 12.60 -1.87 -15.10
C CYS A 184 12.66 -2.76 -16.34
N LEU A 185 11.54 -2.96 -17.02
CA LEU A 185 11.52 -3.83 -18.18
C LEU A 185 12.32 -3.20 -19.31
N PRO A 186 13.27 -3.93 -19.91
CA PRO A 186 14.04 -3.38 -21.03
C PRO A 186 13.15 -3.02 -22.21
N LEU A 187 13.67 -2.15 -23.07
CA LEU A 187 12.91 -1.63 -24.19
C LEU A 187 13.05 -2.49 -25.44
N ALA A 188 14.28 -2.86 -25.79
CA ALA A 188 14.56 -3.61 -27.01
C ALA A 188 15.52 -4.75 -26.71
N ALA A 189 15.76 -5.58 -27.72
CA ALA A 189 16.68 -6.69 -27.60
C ALA A 189 17.31 -6.95 -28.97
N LEU A 190 18.59 -7.32 -28.95
CA LEU A 190 19.33 -7.64 -30.17
C LEU A 190 19.56 -9.15 -30.18
N MET A 191 18.81 -9.86 -31.02
CA MET A 191 18.82 -11.32 -31.04
C MET A 191 19.82 -11.81 -32.08
N ASN A 192 20.86 -12.51 -31.62
CA ASN A 192 21.82 -13.18 -32.48
C ASN A 192 22.53 -12.21 -33.44
N GLN A 193 22.61 -10.94 -33.04
CA GLN A 193 23.27 -9.90 -33.84
C GLN A 193 22.67 -9.82 -35.25
N GLN A 194 21.37 -10.07 -35.36
CA GLN A 194 20.71 -10.06 -36.66
C GLN A 194 19.39 -9.30 -36.60
N PHE A 195 18.59 -9.55 -35.57
CA PHE A 195 17.24 -9.02 -35.48
C PHE A 195 17.11 -8.06 -34.31
N LEU A 196 16.42 -6.95 -34.54
CA LEU A 196 16.05 -6.02 -33.48
C LEU A 196 14.64 -6.35 -33.01
N CYS A 197 14.49 -6.64 -31.73
CA CYS A 197 13.22 -7.07 -31.15
C CYS A 197 12.68 -5.96 -30.27
N VAL A 198 11.64 -5.29 -30.75
CA VAL A 198 10.96 -4.24 -29.99
C VAL A 198 9.49 -4.63 -29.85
N HIS A 199 8.68 -3.77 -29.23
CA HIS A 199 7.25 -4.03 -29.13
C HIS A 199 6.51 -3.34 -30.28
N GLY A 200 6.42 -2.01 -30.23
CA GLY A 200 5.78 -1.27 -31.29
C GLY A 200 6.57 -1.31 -32.59
N GLY A 201 7.71 -0.62 -32.63
CA GLY A 201 8.52 -0.60 -33.83
C GLY A 201 9.65 0.41 -33.77
N LEU A 202 9.90 1.08 -34.89
CA LEU A 202 11.00 2.02 -35.01
C LEU A 202 10.58 3.41 -34.54
N SER A 203 11.50 4.37 -34.68
CA SER A 203 11.29 5.73 -34.22
C SER A 203 12.02 6.67 -35.16
N PRO A 204 11.49 7.87 -35.38
CA PRO A 204 12.24 8.89 -36.14
C PRO A 204 13.44 9.44 -35.39
N GLU A 205 13.65 9.04 -34.13
CA GLU A 205 14.76 9.53 -33.32
C GLU A 205 15.74 8.41 -32.96
N ILE A 206 15.70 7.29 -33.67
CA ILE A 206 16.59 6.16 -33.42
C ILE A 206 17.19 5.74 -34.75
N ASN A 207 18.41 6.17 -35.02
CA ASN A 207 19.15 5.77 -36.22
C ASN A 207 20.11 4.62 -35.97
N THR A 208 20.73 4.58 -34.79
CA THR A 208 21.65 3.51 -34.42
C THR A 208 21.13 2.80 -33.17
N LEU A 209 21.75 1.65 -32.88
CA LEU A 209 21.39 0.90 -31.68
C LEU A 209 21.82 1.61 -30.41
N ASP A 210 22.82 2.50 -30.49
CA ASP A 210 23.21 3.28 -29.32
C ASP A 210 22.13 4.30 -28.93
N ASP A 211 21.27 4.69 -29.86
CA ASP A 211 20.12 5.52 -29.50
C ASP A 211 19.18 4.76 -28.59
N ILE A 212 19.11 3.44 -28.73
CA ILE A 212 18.31 2.63 -27.81
C ILE A 212 18.96 2.56 -26.44
N ARG A 213 20.30 2.54 -26.40
CA ARG A 213 21.00 2.41 -25.13
C ARG A 213 20.98 3.70 -24.33
N LYS A 214 20.88 4.84 -25.00
CA LYS A 214 20.97 6.13 -24.32
C LYS A 214 19.70 6.51 -23.57
N LEU A 215 18.60 5.78 -23.76
CA LEU A 215 17.33 6.15 -23.16
C LEU A 215 17.27 5.75 -21.69
N ASP A 216 16.56 6.55 -20.90
CA ASP A 216 16.34 6.28 -19.48
C ASP A 216 14.97 5.60 -19.36
N ARG A 217 14.97 4.27 -19.45
CA ARG A 217 13.72 3.53 -19.43
C ARG A 217 13.03 3.57 -18.07
N PHE A 218 13.76 3.85 -17.00
CA PHE A 218 13.20 3.82 -15.66
C PHE A 218 12.27 5.01 -15.43
N LYS A 219 11.11 5.00 -16.08
CA LYS A 219 10.15 6.08 -15.98
C LYS A 219 8.84 5.61 -16.61
N GLU A 220 7.81 6.44 -16.48
CA GLU A 220 6.56 6.22 -17.20
C GLU A 220 6.75 6.60 -18.66
N PRO A 221 6.31 5.76 -19.60
CA PRO A 221 6.51 6.08 -21.02
C PRO A 221 5.83 7.38 -21.39
N PRO A 222 6.60 8.38 -21.84
CA PRO A 222 6.00 9.67 -22.18
C PRO A 222 5.19 9.59 -23.47
N ALA A 223 4.55 10.71 -23.85
CA ALA A 223 3.77 10.76 -25.08
C ALA A 223 4.61 11.04 -26.30
N TYR A 224 5.89 11.38 -26.13
CA TYR A 224 6.76 11.73 -27.24
C TYR A 224 8.11 11.05 -27.03
N GLY A 225 9.05 11.36 -27.93
CA GLY A 225 10.38 10.82 -27.84
C GLY A 225 10.49 9.41 -28.38
N PRO A 226 11.71 8.90 -28.50
CA PRO A 226 11.88 7.55 -29.05
C PRO A 226 11.37 6.46 -28.13
N MET A 227 11.31 6.70 -26.82
CA MET A 227 10.80 5.69 -25.90
C MET A 227 9.32 5.42 -26.14
N CYS A 228 8.55 6.44 -26.53
CA CYS A 228 7.14 6.21 -26.85
C CYS A 228 6.99 5.47 -28.16
N ASP A 229 7.84 5.78 -29.15
CA ASP A 229 7.75 5.11 -30.45
C ASP A 229 8.22 3.66 -30.38
N ILE A 230 9.06 3.30 -29.41
CA ILE A 230 9.51 1.93 -29.28
C ILE A 230 8.34 1.01 -28.97
N LEU A 231 7.38 1.49 -28.19
CA LEU A 231 6.28 0.67 -27.71
C LEU A 231 4.96 0.90 -28.45
N TRP A 232 4.80 2.05 -29.12
CA TRP A 232 3.51 2.42 -29.68
C TRP A 232 3.46 2.44 -31.20
N SER A 233 4.60 2.60 -31.88
CA SER A 233 4.58 2.74 -33.33
C SER A 233 4.05 1.48 -34.01
N ASP A 234 3.48 1.65 -35.19
CA ASP A 234 2.89 0.57 -35.96
C ASP A 234 3.34 0.67 -37.41
N PRO A 235 3.39 -0.46 -38.12
CA PRO A 235 3.70 -0.41 -39.54
C PRO A 235 2.52 0.17 -40.33
N LEU A 236 2.84 0.67 -41.52
CA LEU A 236 1.80 1.21 -42.39
C LEU A 236 0.83 0.11 -42.80
N GLU A 237 -0.42 0.51 -43.06
CA GLU A 237 -1.42 -0.45 -43.51
C GLU A 237 -1.02 -1.08 -44.84
N ASP A 238 -0.33 -0.32 -45.69
CA ASP A 238 0.17 -0.83 -46.96
C ASP A 238 1.69 -0.96 -46.90
N PHE A 239 2.19 -1.63 -45.87
CA PHE A 239 3.63 -1.80 -45.68
C PHE A 239 4.24 -2.60 -46.83
N GLY A 240 5.06 -1.93 -47.64
CA GLY A 240 5.67 -2.54 -48.81
C GLY A 240 5.10 -2.07 -50.13
N ASN A 241 3.90 -1.48 -50.11
CA ASN A 241 3.25 -0.95 -51.31
C ASN A 241 2.83 0.49 -51.02
N GLU A 242 3.82 1.35 -50.80
CA GLU A 242 3.58 2.70 -50.32
C GLU A 242 3.25 3.65 -51.46
N LYS A 243 2.34 4.60 -51.19
CA LYS A 243 2.07 5.67 -52.14
C LYS A 243 3.23 6.66 -52.19
N THR A 244 3.77 7.02 -51.03
CA THR A 244 4.83 8.00 -50.91
C THR A 244 6.11 7.33 -50.40
N GLN A 245 7.12 8.14 -50.11
CA GLN A 245 8.35 7.69 -49.46
C GLN A 245 8.50 8.28 -48.07
N GLU A 246 7.43 8.84 -47.51
CA GLU A 246 7.46 9.39 -46.16
C GLU A 246 7.78 8.30 -45.16
N HIS A 247 8.96 8.37 -44.54
CA HIS A 247 9.41 7.29 -43.66
C HIS A 247 8.52 7.15 -42.44
N PHE A 248 8.22 8.27 -41.77
CA PHE A 248 7.43 8.25 -40.54
C PHE A 248 6.30 9.26 -40.67
N THR A 249 5.06 8.78 -40.63
CA THR A 249 3.87 9.61 -40.61
C THR A 249 3.13 9.41 -39.29
N HIS A 250 2.22 10.33 -38.99
CA HIS A 250 1.50 10.30 -37.74
C HIS A 250 0.59 9.08 -37.67
N ASN A 251 0.76 8.29 -36.61
CA ASN A 251 -0.08 7.12 -36.37
C ASN A 251 -1.46 7.60 -35.94
N THR A 252 -2.39 7.68 -36.90
CA THR A 252 -3.72 8.20 -36.61
C THR A 252 -4.59 7.20 -35.87
N VAL A 253 -4.23 5.91 -35.86
CA VAL A 253 -5.02 4.92 -35.14
C VAL A 253 -4.72 4.98 -33.65
N ARG A 254 -3.42 5.02 -33.30
CA ARG A 254 -3.02 5.06 -31.90
C ARG A 254 -3.17 6.43 -31.27
N GLY A 255 -3.23 7.49 -32.07
CA GLY A 255 -3.25 8.85 -31.55
C GLY A 255 -1.90 9.37 -31.11
N CYS A 256 -0.88 8.52 -31.06
CA CYS A 256 0.47 8.95 -30.71
C CYS A 256 1.46 8.14 -31.53
N SER A 257 2.74 8.45 -31.36
CA SER A 257 3.83 7.80 -32.09
C SER A 257 3.68 7.97 -33.60
N TYR A 258 4.26 7.07 -34.38
CA TYR A 258 4.33 7.23 -35.82
C TYR A 258 4.01 5.93 -36.53
N PHE A 259 3.76 6.05 -37.83
CA PHE A 259 3.70 4.93 -38.75
C PHE A 259 5.02 4.83 -39.48
N TYR A 260 5.70 3.69 -39.38
CA TYR A 260 6.95 3.47 -40.09
C TYR A 260 6.68 2.69 -41.37
N SER A 261 7.39 3.06 -42.43
CA SER A 261 7.16 2.53 -43.76
C SER A 261 8.18 1.43 -44.08
N TYR A 262 8.03 0.84 -45.28
CA TYR A 262 8.95 -0.17 -45.78
C TYR A 262 10.30 0.43 -46.12
N PRO A 263 10.38 1.59 -46.79
CA PRO A 263 11.70 2.23 -46.95
C PRO A 263 12.34 2.63 -45.63
N ALA A 264 11.52 2.94 -44.62
CA ALA A 264 12.07 3.32 -43.32
C ALA A 264 12.75 2.14 -42.64
N VAL A 265 12.09 0.98 -42.65
CA VAL A 265 12.67 -0.20 -42.01
C VAL A 265 13.89 -0.69 -42.79
N CYS A 266 13.81 -0.70 -44.12
CA CYS A 266 14.93 -1.16 -44.93
C CYS A 266 16.15 -0.27 -44.74
N GLU A 267 15.94 1.05 -44.66
CA GLU A 267 17.05 1.95 -44.40
C GLU A 267 17.64 1.71 -43.01
N PHE A 268 16.78 1.42 -42.02
CA PHE A 268 17.27 1.11 -40.69
C PHE A 268 18.00 -0.22 -40.66
N LEU A 269 17.45 -1.24 -41.34
CA LEU A 269 18.12 -2.54 -41.39
C LEU A 269 19.45 -2.44 -42.11
N GLN A 270 19.52 -1.64 -43.18
CA GLN A 270 20.74 -1.52 -43.97
C GLN A 270 21.77 -0.63 -43.29
N HIS A 271 21.33 0.35 -42.50
CA HIS A 271 22.26 1.26 -41.84
C HIS A 271 23.01 0.57 -40.71
N ASN A 272 22.31 -0.24 -39.91
CA ASN A 272 22.91 -0.94 -38.78
C ASN A 272 23.31 -2.38 -39.12
N ASN A 273 23.18 -2.77 -40.38
CA ASN A 273 23.53 -4.12 -40.85
C ASN A 273 22.76 -5.18 -40.06
N LEU A 274 21.44 -5.13 -40.19
CA LEU A 274 20.53 -6.08 -39.57
C LEU A 274 19.71 -6.79 -40.65
N LEU A 275 18.97 -7.81 -40.23
CA LEU A 275 18.19 -8.63 -41.15
C LEU A 275 16.70 -8.30 -41.11
N SER A 276 16.10 -8.32 -39.93
CA SER A 276 14.66 -8.08 -39.79
C SER A 276 14.41 -7.36 -38.47
N ILE A 277 13.13 -7.13 -38.19
CA ILE A 277 12.69 -6.44 -36.97
C ILE A 277 11.51 -7.24 -36.42
N LEU A 278 11.77 -8.00 -35.34
CA LEU A 278 10.70 -8.73 -34.67
C LEU A 278 9.94 -7.81 -33.73
N ARG A 279 8.62 -7.93 -33.74
CA ARG A 279 7.79 -7.06 -32.91
C ARG A 279 6.45 -7.75 -32.66
N ALA A 280 5.65 -7.12 -31.81
CA ALA A 280 4.29 -7.58 -31.52
C ALA A 280 3.32 -6.43 -31.68
N HIS A 281 2.63 -6.06 -30.58
CA HIS A 281 1.86 -4.83 -30.49
C HIS A 281 0.65 -4.77 -31.41
N GLU A 282 0.57 -5.67 -32.38
CA GLU A 282 -0.56 -5.70 -33.32
C GLU A 282 -1.06 -7.12 -33.47
N ALA A 283 -2.37 -7.28 -33.47
CA ALA A 283 -2.99 -8.60 -33.53
C ALA A 283 -2.94 -9.14 -34.95
N GLN A 284 -2.75 -10.46 -35.06
CA GLN A 284 -2.70 -11.14 -36.36
C GLN A 284 -3.68 -12.32 -36.33
N ASP A 285 -4.37 -12.52 -37.45
CA ASP A 285 -5.35 -13.60 -37.52
C ASP A 285 -4.70 -14.96 -37.36
N ALA A 286 -3.46 -15.11 -37.83
CA ALA A 286 -2.73 -16.37 -37.72
C ALA A 286 -1.61 -16.30 -36.68
N GLY A 287 -1.64 -15.29 -35.80
CA GLY A 287 -0.62 -15.13 -34.79
C GLY A 287 0.69 -14.58 -35.26
N TYR A 288 0.89 -14.44 -36.57
CA TYR A 288 2.13 -13.92 -37.11
C TYR A 288 1.84 -13.18 -38.41
N ARG A 289 2.84 -12.44 -38.88
CA ARG A 289 2.77 -11.81 -40.20
C ARG A 289 4.19 -11.42 -40.62
N MET A 290 4.68 -12.04 -41.69
CA MET A 290 5.96 -11.68 -42.28
C MET A 290 5.68 -10.75 -43.45
N TYR A 291 6.19 -9.51 -43.35
CA TYR A 291 5.87 -8.48 -44.32
C TYR A 291 6.78 -8.59 -45.54
N ARG A 292 6.86 -7.51 -46.33
CA ARG A 292 7.57 -7.57 -47.60
C ARG A 292 9.07 -7.82 -47.39
N LYS A 293 9.64 -8.62 -48.28
CA LYS A 293 11.07 -8.89 -48.24
C LYS A 293 11.85 -7.63 -48.60
N SER A 294 13.00 -7.46 -47.95
CA SER A 294 13.89 -6.35 -48.27
C SER A 294 14.73 -6.71 -49.49
N GLN A 295 14.85 -5.77 -50.43
CA GLN A 295 15.54 -6.05 -51.68
C GLN A 295 17.03 -6.31 -51.48
N THR A 296 17.60 -5.86 -50.38
CA THR A 296 19.03 -6.00 -50.13
C THR A 296 19.36 -7.09 -49.11
N THR A 297 18.37 -7.84 -48.65
CA THR A 297 18.59 -8.90 -47.68
C THR A 297 18.07 -10.26 -48.15
N GLY A 298 16.88 -10.31 -48.73
CA GLY A 298 16.26 -11.57 -49.09
C GLY A 298 15.41 -12.19 -48.02
N PHE A 299 15.26 -11.54 -46.86
CA PHE A 299 14.48 -11.99 -45.72
C PHE A 299 13.39 -10.98 -45.41
N PRO A 300 12.26 -11.42 -44.88
CA PRO A 300 11.20 -10.48 -44.49
C PRO A 300 11.73 -9.35 -43.61
N SER A 301 11.48 -8.11 -44.04
CA SER A 301 11.98 -6.95 -43.32
C SER A 301 11.24 -6.70 -42.01
N LEU A 302 10.04 -7.24 -41.86
CA LEU A 302 9.25 -7.02 -40.66
C LEU A 302 8.48 -8.30 -40.33
N ILE A 303 8.46 -8.65 -39.04
CA ILE A 303 7.80 -9.86 -38.57
C ILE A 303 7.02 -9.52 -37.31
N THR A 304 5.70 -9.64 -37.37
CA THR A 304 4.84 -9.44 -36.22
C THR A 304 4.54 -10.79 -35.58
N ILE A 305 4.63 -10.84 -34.25
CA ILE A 305 4.35 -12.05 -33.49
C ILE A 305 3.22 -11.75 -32.50
N PHE A 306 2.26 -12.66 -32.41
CA PHE A 306 1.12 -12.49 -31.52
C PHE A 306 0.87 -13.80 -30.80
N SER A 307 0.98 -13.78 -29.47
CA SER A 307 0.90 -14.99 -28.66
C SER A 307 -0.40 -15.08 -27.86
N ALA A 308 -1.46 -14.42 -28.32
CA ALA A 308 -2.75 -14.46 -27.63
C ALA A 308 -3.77 -15.15 -28.52
N PRO A 309 -4.06 -16.44 -28.29
CA PRO A 309 -5.08 -17.11 -29.11
C PRO A 309 -6.48 -16.77 -28.64
N ASN A 310 -7.36 -16.53 -29.61
CA ASN A 310 -8.75 -16.12 -29.36
C ASN A 310 -8.79 -14.85 -28.51
N TYR A 311 -8.28 -13.78 -29.14
CA TYR A 311 -8.14 -12.50 -28.46
C TYR A 311 -9.50 -11.96 -28.02
N LEU A 312 -9.59 -11.54 -26.76
CA LEU A 312 -10.81 -11.03 -26.15
C LEU A 312 -11.96 -12.03 -26.22
N ASP A 313 -11.64 -13.32 -26.37
CA ASP A 313 -12.61 -14.41 -26.43
C ASP A 313 -13.63 -14.23 -27.56
N VAL A 314 -13.29 -13.45 -28.59
CA VAL A 314 -14.22 -13.19 -29.68
C VAL A 314 -13.49 -13.24 -31.02
N TYR A 315 -12.18 -13.03 -31.00
CA TYR A 315 -11.43 -12.92 -32.25
C TYR A 315 -11.31 -14.27 -32.97
N ASN A 316 -11.29 -15.37 -32.23
CA ASN A 316 -11.14 -16.71 -32.80
C ASN A 316 -9.89 -16.80 -33.68
N ASN A 317 -8.82 -16.19 -33.22
CA ASN A 317 -7.55 -16.17 -33.95
C ASN A 317 -6.60 -17.20 -33.37
N LYS A 318 -5.69 -17.68 -34.20
CA LYS A 318 -4.59 -18.52 -33.74
C LYS A 318 -3.45 -17.64 -33.28
N ALA A 319 -2.64 -18.17 -32.36
CA ALA A 319 -1.47 -17.49 -31.84
C ALA A 319 -0.22 -18.27 -32.21
N ALA A 320 0.84 -17.55 -32.54
CA ALA A 320 2.09 -18.15 -33.01
C ALA A 320 3.24 -17.73 -32.12
N VAL A 321 4.21 -18.63 -31.97
CA VAL A 321 5.46 -18.34 -31.28
C VAL A 321 6.59 -18.60 -32.27
N LEU A 322 7.72 -17.94 -32.05
CA LEU A 322 8.86 -18.00 -32.96
C LEU A 322 10.03 -18.68 -32.25
N LYS A 323 10.38 -19.87 -32.71
CA LYS A 323 11.49 -20.65 -32.15
C LYS A 323 12.63 -20.65 -33.17
N TYR A 324 13.61 -19.78 -32.96
CA TYR A 324 14.74 -19.62 -33.87
C TYR A 324 15.86 -20.54 -33.41
N GLU A 325 16.06 -21.65 -34.12
CA GLU A 325 17.08 -22.62 -33.76
C GLU A 325 17.62 -23.29 -35.01
N ASN A 326 18.94 -23.50 -35.03
CA ASN A 326 19.62 -24.21 -36.12
C ASN A 326 19.40 -23.51 -37.47
N ASN A 327 19.52 -22.19 -37.48
CA ASN A 327 19.32 -21.38 -38.68
C ASN A 327 17.94 -21.62 -39.29
N VAL A 328 16.95 -21.91 -38.45
CA VAL A 328 15.58 -22.14 -38.89
C VAL A 328 14.66 -21.30 -38.00
N MET A 329 13.80 -20.50 -38.64
CA MET A 329 12.82 -19.67 -37.93
C MET A 329 11.49 -20.40 -37.97
N ASN A 330 11.21 -21.18 -36.94
CA ASN A 330 10.04 -22.05 -36.90
C ASN A 330 8.89 -21.32 -36.21
N ILE A 331 7.99 -20.76 -37.02
CA ILE A 331 6.78 -20.12 -36.50
C ILE A 331 5.79 -21.22 -36.15
N ARG A 332 5.61 -21.47 -34.85
CA ARG A 332 4.77 -22.55 -34.35
C ARG A 332 3.48 -21.96 -33.80
N GLN A 333 2.35 -22.34 -34.40
CA GLN A 333 1.05 -21.83 -34.01
C GLN A 333 0.41 -22.72 -32.94
N PHE A 334 -0.57 -22.15 -32.24
CA PHE A 334 -1.30 -22.89 -31.21
C PHE A 334 -2.64 -22.19 -30.99
N ASN A 335 -3.63 -22.98 -30.56
CA ASN A 335 -4.97 -22.47 -30.34
C ASN A 335 -5.16 -22.14 -28.85
N CYS A 336 -6.39 -21.78 -28.48
CA CYS A 336 -6.69 -21.34 -27.14
C CYS A 336 -6.91 -22.53 -26.21
N SER A 337 -7.15 -22.23 -24.93
CA SER A 337 -7.40 -23.21 -23.89
C SER A 337 -8.53 -22.71 -23.00
N PRO A 338 -9.30 -23.61 -22.40
CA PRO A 338 -10.40 -23.17 -21.53
C PRO A 338 -9.88 -22.40 -20.32
N HIS A 339 -10.58 -21.33 -19.98
CA HIS A 339 -10.26 -20.49 -18.84
C HIS A 339 -11.53 -20.16 -18.08
N PRO A 340 -11.44 -19.97 -16.76
CA PRO A 340 -12.63 -19.66 -15.97
C PRO A 340 -13.29 -18.37 -16.42
N TYR A 341 -14.57 -18.24 -16.09
CA TYR A 341 -15.36 -17.09 -16.51
C TYR A 341 -15.30 -15.98 -15.45
N TRP A 342 -15.28 -14.74 -15.92
CA TRP A 342 -15.28 -13.57 -15.06
C TRP A 342 -16.24 -12.53 -15.63
N LEU A 343 -17.01 -11.89 -14.76
CA LEU A 343 -17.84 -10.78 -15.16
C LEU A 343 -16.97 -9.59 -15.54
N PRO A 344 -17.47 -8.68 -16.39
CA PRO A 344 -16.65 -7.53 -16.81
C PRO A 344 -16.21 -6.69 -15.63
N ASN A 345 -14.94 -6.28 -15.67
CA ASN A 345 -14.32 -5.45 -14.64
C ASN A 345 -14.32 -6.13 -13.28
N PHE A 346 -14.28 -7.47 -13.28
CA PHE A 346 -14.17 -8.28 -12.07
C PHE A 346 -15.30 -7.96 -11.08
N MET A 347 -16.52 -7.91 -11.61
CA MET A 347 -17.68 -7.58 -10.79
C MET A 347 -18.21 -8.84 -10.11
N ASP A 348 -18.55 -8.72 -8.83
CA ASP A 348 -19.13 -9.83 -8.10
C ASP A 348 -20.59 -10.02 -8.52
N VAL A 349 -21.21 -11.07 -7.98
CA VAL A 349 -22.60 -11.36 -8.33
C VAL A 349 -23.60 -10.57 -7.51
N PHE A 350 -23.19 -10.05 -6.35
CA PHE A 350 -24.08 -9.20 -5.57
C PHE A 350 -24.23 -7.82 -6.20
N THR A 351 -23.11 -7.23 -6.63
CA THR A 351 -23.17 -5.94 -7.30
C THR A 351 -23.91 -6.05 -8.63
N TRP A 352 -23.75 -7.17 -9.33
CA TRP A 352 -24.38 -7.35 -10.63
C TRP A 352 -25.90 -7.46 -10.50
N SER A 353 -26.38 -8.20 -9.49
CA SER A 353 -27.78 -8.52 -9.36
C SER A 353 -28.57 -7.57 -8.48
N LEU A 354 -27.90 -6.79 -7.62
CA LEU A 354 -28.62 -5.91 -6.71
C LEU A 354 -29.50 -4.88 -7.42
N PRO A 355 -29.07 -4.23 -8.51
CA PRO A 355 -30.02 -3.34 -9.22
C PRO A 355 -31.24 -4.06 -9.76
N PHE A 356 -31.05 -5.27 -10.30
CA PHE A 356 -32.19 -6.05 -10.79
C PHE A 356 -33.12 -6.41 -9.65
N VAL A 357 -32.57 -6.69 -8.47
CA VAL A 357 -33.39 -6.98 -7.30
C VAL A 357 -34.17 -5.73 -6.89
N GLY A 358 -33.50 -4.58 -6.84
CA GLY A 358 -34.17 -3.36 -6.43
C GLY A 358 -35.21 -2.88 -7.43
N GLU A 359 -34.99 -3.13 -8.72
CA GLU A 359 -35.90 -2.64 -9.75
C GLU A 359 -37.15 -3.52 -9.84
N LYS A 360 -36.96 -4.82 -10.07
CA LYS A 360 -38.09 -5.72 -10.32
C LYS A 360 -38.98 -5.84 -9.09
N VAL A 361 -38.40 -5.82 -7.89
CA VAL A 361 -39.22 -5.84 -6.67
C VAL A 361 -40.03 -4.55 -6.56
N THR A 362 -39.42 -3.42 -6.95
CA THR A 362 -40.15 -2.16 -6.94
C THR A 362 -41.31 -2.19 -7.93
N GLU A 363 -41.08 -2.73 -9.13
CA GLU A 363 -42.16 -2.83 -10.12
C GLU A 363 -43.30 -3.68 -9.60
N MET A 364 -43.01 -4.67 -8.75
CA MET A 364 -44.07 -5.50 -8.19
C MET A 364 -45.02 -4.68 -7.35
N LEU A 365 -44.50 -4.00 -6.32
CA LEU A 365 -45.34 -3.19 -5.44
C LEU A 365 -45.94 -2.01 -6.18
N VAL A 366 -45.29 -1.52 -7.23
CA VAL A 366 -45.85 -0.44 -8.02
C VAL A 366 -47.17 -0.87 -8.65
N ASN A 367 -47.21 -2.08 -9.19
CA ASN A 367 -48.42 -2.60 -9.79
C ASN A 367 -49.34 -3.28 -8.78
N VAL A 368 -48.79 -3.85 -7.71
CA VAL A 368 -49.62 -4.45 -6.68
C VAL A 368 -50.44 -3.38 -5.97
N LEU A 369 -49.78 -2.33 -5.48
CA LEU A 369 -50.48 -1.24 -4.80
C LEU A 369 -51.20 -0.32 -5.78
N ASN A 370 -50.78 -0.30 -7.04
CA ASN A 370 -51.40 0.53 -8.08
C ASN A 370 -51.45 2.00 -7.69
N ASP B 2 -49.96 5.20 11.19
CA ASP B 2 -50.86 5.85 10.25
C ASP B 2 -51.98 4.89 9.84
N ALA B 3 -53.14 5.03 10.49
CA ALA B 3 -54.27 4.15 10.21
C ALA B 3 -54.91 4.46 8.86
N ASP B 4 -54.63 5.62 8.28
CA ASP B 4 -55.19 5.95 6.96
C ASP B 4 -54.63 5.02 5.89
N GLU B 5 -53.34 4.70 5.97
CA GLU B 5 -52.74 3.81 4.99
C GLU B 5 -53.25 2.39 5.11
N ILE B 6 -53.60 1.96 6.33
CA ILE B 6 -54.11 0.61 6.53
C ILE B 6 -55.47 0.46 5.86
N LYS B 7 -56.33 1.46 5.98
CA LYS B 7 -57.64 1.40 5.34
C LYS B 7 -57.52 1.49 3.82
N ARG B 8 -56.59 2.30 3.33
CA ARG B 8 -56.44 2.46 1.88
C ARG B 8 -55.88 1.20 1.24
N LEU B 9 -54.90 0.56 1.89
CA LEU B 9 -54.34 -0.68 1.37
C LEU B 9 -55.27 -1.86 1.59
N GLY B 10 -56.33 -1.71 2.38
CA GLY B 10 -57.28 -2.80 2.56
C GLY B 10 -58.11 -3.05 1.33
N LYS B 11 -58.48 -1.98 0.62
CA LYS B 11 -59.23 -2.13 -0.62
C LYS B 11 -58.38 -2.82 -1.69
N ARG B 12 -57.12 -2.40 -1.83
CA ARG B 12 -56.24 -3.01 -2.82
C ARG B 12 -55.97 -4.47 -2.49
N PHE B 13 -55.78 -4.78 -1.20
CA PHE B 13 -55.63 -6.17 -0.79
C PHE B 13 -56.92 -6.96 -1.02
N LYS B 14 -58.07 -6.29 -0.96
CA LYS B 14 -59.35 -6.98 -1.15
C LYS B 14 -59.58 -7.34 -2.60
N LYS B 15 -59.18 -6.46 -3.53
CA LYS B 15 -59.36 -6.77 -4.94
C LYS B 15 -58.46 -7.90 -5.39
N LEU B 16 -57.23 -7.95 -4.88
CA LEU B 16 -56.32 -9.05 -5.21
C LEU B 16 -56.81 -10.38 -4.68
N ASP B 17 -57.63 -10.38 -3.62
CA ASP B 17 -58.18 -11.61 -3.04
C ASP B 17 -59.36 -12.04 -3.90
N LEU B 18 -59.12 -12.99 -4.80
CA LEU B 18 -60.16 -13.43 -5.71
C LEU B 18 -61.16 -14.34 -5.02
N ASP B 19 -60.70 -15.24 -4.16
CA ASP B 19 -61.57 -16.14 -3.42
C ASP B 19 -62.02 -15.56 -2.08
N ASN B 20 -61.54 -14.37 -1.71
CA ASN B 20 -61.90 -13.70 -0.47
C ASN B 20 -61.63 -14.59 0.74
N SER B 21 -60.37 -15.03 0.84
CA SER B 21 -59.92 -15.90 1.92
C SER B 21 -59.07 -15.17 2.94
N GLY B 22 -58.96 -13.85 2.84
CA GLY B 22 -58.08 -13.09 3.72
C GLY B 22 -56.61 -13.25 3.44
N SER B 23 -56.24 -14.06 2.46
CA SER B 23 -54.84 -14.29 2.10
C SER B 23 -54.68 -14.16 0.59
N LEU B 24 -53.43 -13.99 0.16
CA LEU B 24 -53.10 -13.83 -1.24
C LEU B 24 -52.18 -14.96 -1.68
N SER B 25 -52.63 -15.74 -2.66
CA SER B 25 -51.83 -16.81 -3.22
C SER B 25 -51.05 -16.29 -4.43
N VAL B 26 -50.12 -17.12 -4.91
CA VAL B 26 -49.30 -16.72 -6.05
C VAL B 26 -50.15 -16.58 -7.31
N GLU B 27 -51.12 -17.49 -7.49
CA GLU B 27 -51.99 -17.41 -8.66
C GLU B 27 -52.89 -16.18 -8.61
N GLU B 28 -53.26 -15.73 -7.41
CA GLU B 28 -53.99 -14.48 -7.29
C GLU B 28 -53.11 -13.28 -7.61
N PHE B 29 -51.82 -13.37 -7.31
CA PHE B 29 -50.89 -12.32 -7.73
C PHE B 29 -50.70 -12.32 -9.24
N MET B 30 -50.53 -13.51 -9.84
CA MET B 30 -50.31 -13.62 -11.27
C MET B 30 -51.51 -13.19 -12.10
N SER B 31 -52.66 -12.91 -11.46
CA SER B 31 -53.75 -12.28 -12.18
C SER B 31 -53.36 -10.91 -12.72
N LEU B 32 -52.38 -10.27 -12.11
CA LEU B 32 -51.86 -9.01 -12.60
C LEU B 32 -51.02 -9.25 -13.86
N PRO B 33 -51.41 -8.71 -15.01
CA PRO B 33 -50.58 -8.87 -16.22
C PRO B 33 -49.23 -8.19 -16.12
N GLU B 34 -49.08 -7.21 -15.22
CA GLU B 34 -47.83 -6.48 -15.06
C GLU B 34 -46.86 -7.17 -14.11
N LEU B 35 -47.22 -8.34 -13.58
CA LEU B 35 -46.33 -9.12 -12.73
C LEU B 35 -45.94 -10.45 -13.33
N GLN B 36 -46.37 -10.74 -14.57
CA GLN B 36 -45.99 -11.99 -15.22
C GLN B 36 -44.49 -12.01 -15.51
N GLN B 37 -44.02 -11.05 -16.29
CA GLN B 37 -42.60 -10.93 -16.64
C GLN B 37 -41.87 -10.35 -15.43
N ASN B 38 -41.61 -11.20 -14.44
CA ASN B 38 -40.89 -10.80 -13.24
C ASN B 38 -40.37 -12.04 -12.52
N PRO B 39 -39.05 -12.22 -12.45
CA PRO B 39 -38.50 -13.43 -11.82
C PRO B 39 -38.51 -13.42 -10.30
N LEU B 40 -38.78 -12.29 -9.66
CA LEU B 40 -38.68 -12.19 -8.20
C LEU B 40 -40.03 -12.00 -7.52
N VAL B 41 -41.13 -12.32 -8.21
CA VAL B 41 -42.44 -12.26 -7.57
C VAL B 41 -42.55 -13.35 -6.50
N GLN B 42 -42.07 -14.55 -6.81
CA GLN B 42 -42.18 -15.65 -5.85
C GLN B 42 -41.30 -15.39 -4.62
N ARG B 43 -40.13 -14.78 -4.81
CA ARG B 43 -39.26 -14.51 -3.67
C ARG B 43 -39.90 -13.48 -2.73
N VAL B 44 -40.52 -12.44 -3.29
CA VAL B 44 -41.20 -11.45 -2.46
C VAL B 44 -42.36 -12.10 -1.71
N ILE B 45 -43.07 -13.03 -2.37
CA ILE B 45 -44.16 -13.73 -1.71
C ILE B 45 -43.63 -14.57 -0.55
N ASP B 46 -42.48 -15.23 -0.76
CA ASP B 46 -41.89 -16.02 0.32
C ASP B 46 -41.38 -15.14 1.44
N ILE B 47 -40.87 -13.95 1.14
CA ILE B 47 -40.41 -13.04 2.18
C ILE B 47 -41.58 -12.48 2.97
N PHE B 48 -42.67 -12.13 2.27
CA PHE B 48 -43.84 -11.60 2.96
C PHE B 48 -44.50 -12.65 3.83
N ASP B 49 -44.52 -13.91 3.37
CA ASP B 49 -45.10 -14.98 4.16
C ASP B 49 -44.22 -15.29 5.36
N THR B 50 -44.83 -15.37 6.54
CA THR B 50 -44.09 -15.62 7.77
C THR B 50 -44.71 -16.75 8.56
N ASP B 51 -45.20 -17.79 7.89
CA ASP B 51 -45.69 -18.96 8.61
C ASP B 51 -45.50 -20.20 7.74
N GLY B 52 -45.64 -20.04 6.43
CA GLY B 52 -45.51 -21.15 5.51
C GLY B 52 -46.81 -21.65 4.91
N ASN B 53 -47.90 -20.89 5.07
CA ASN B 53 -49.20 -21.24 4.51
C ASN B 53 -49.25 -21.14 3.00
N GLY B 54 -48.16 -20.74 2.35
CA GLY B 54 -48.22 -20.47 0.93
C GLY B 54 -49.06 -19.28 0.56
N GLU B 55 -49.30 -18.37 1.51
CA GLU B 55 -50.18 -17.25 1.28
C GLU B 55 -49.81 -16.10 2.23
N VAL B 56 -50.08 -14.89 1.78
CA VAL B 56 -49.76 -13.67 2.51
C VAL B 56 -51.07 -13.07 2.99
N ASP B 57 -51.30 -13.11 4.31
CA ASP B 57 -52.50 -12.51 4.88
C ASP B 57 -52.31 -11.00 4.99
N PHE B 58 -53.36 -10.30 5.43
CA PHE B 58 -53.32 -8.85 5.49
C PHE B 58 -52.29 -8.34 6.49
N LYS B 59 -52.07 -9.08 7.57
CA LYS B 59 -51.04 -8.68 8.53
C LYS B 59 -49.65 -8.92 7.96
N GLU B 60 -49.46 -10.03 7.23
CA GLU B 60 -48.20 -10.25 6.52
C GLU B 60 -48.06 -9.30 5.33
N PHE B 61 -49.19 -8.89 4.74
CA PHE B 61 -49.14 -7.97 3.61
C PHE B 61 -48.63 -6.59 4.05
N ILE B 62 -49.15 -6.09 5.18
CA ILE B 62 -48.72 -4.78 5.66
C ILE B 62 -47.28 -4.84 6.17
N GLU B 63 -46.92 -5.91 6.88
CA GLU B 63 -45.57 -6.04 7.42
C GLU B 63 -44.52 -6.07 6.30
N GLY B 64 -44.86 -6.67 5.17
CA GLY B 64 -43.93 -6.73 4.05
C GLY B 64 -43.85 -5.46 3.25
N VAL B 65 -45.01 -4.86 2.95
CA VAL B 65 -45.04 -3.66 2.12
C VAL B 65 -44.49 -2.45 2.89
N SER B 66 -44.64 -2.43 4.21
CA SER B 66 -44.24 -1.27 4.99
C SER B 66 -42.74 -1.02 4.94
N GLN B 67 -41.93 -2.03 4.63
CA GLN B 67 -40.48 -1.86 4.59
C GLN B 67 -40.00 -1.10 3.36
N PHE B 68 -40.90 -0.66 2.48
CA PHE B 68 -40.52 -0.04 1.22
C PHE B 68 -40.89 1.43 1.14
N SER B 69 -41.45 2.01 2.19
CA SER B 69 -41.74 3.44 2.18
C SER B 69 -40.44 4.23 2.36
N VAL B 70 -40.52 5.53 2.10
CA VAL B 70 -39.35 6.39 2.24
C VAL B 70 -38.90 6.49 3.69
N LYS B 71 -39.80 6.21 4.64
CA LYS B 71 -39.44 6.22 6.06
C LYS B 71 -38.83 4.86 6.39
N GLY B 72 -37.50 4.80 6.32
CA GLY B 72 -36.78 3.58 6.60
C GLY B 72 -35.29 3.72 6.36
N ASP B 73 -34.49 3.32 7.33
CA ASP B 73 -33.05 3.47 7.22
C ASP B 73 -32.50 2.48 6.18
N LYS B 74 -31.19 2.57 5.94
CA LYS B 74 -30.54 1.69 4.97
C LYS B 74 -30.51 0.24 5.43
N GLU B 75 -30.61 0.00 6.74
CA GLU B 75 -30.57 -1.38 7.24
C GLU B 75 -31.87 -2.11 6.95
N GLN B 76 -33.01 -1.39 6.96
CA GLN B 76 -34.27 -2.01 6.60
C GLN B 76 -34.26 -2.47 5.14
N LYS B 77 -33.78 -1.61 4.24
CA LYS B 77 -33.77 -1.94 2.83
C LYS B 77 -32.81 -3.09 2.53
N LEU B 78 -31.62 -3.07 3.14
CA LEU B 78 -30.68 -4.17 2.96
C LEU B 78 -31.12 -5.43 3.68
N ARG B 79 -31.99 -5.31 4.69
CA ARG B 79 -32.55 -6.50 5.33
C ARG B 79 -33.40 -7.28 4.33
N PHE B 80 -34.27 -6.59 3.59
CA PHE B 80 -35.08 -7.26 2.58
C PHE B 80 -34.22 -7.78 1.43
N ALA B 81 -33.22 -6.99 1.01
CA ALA B 81 -32.35 -7.42 -0.08
C ALA B 81 -31.56 -8.67 0.29
N PHE B 82 -31.09 -8.74 1.54
CA PHE B 82 -30.41 -9.94 2.00
C PHE B 82 -31.35 -11.14 1.99
N ARG B 83 -32.61 -10.94 2.38
CA ARG B 83 -33.59 -12.01 2.40
C ARG B 83 -34.01 -12.45 1.01
N ILE B 84 -33.61 -11.72 -0.05
CA ILE B 84 -33.85 -12.17 -1.41
C ILE B 84 -33.05 -13.43 -1.70
N TYR B 85 -31.76 -13.42 -1.33
CA TYR B 85 -30.90 -14.57 -1.61
C TYR B 85 -31.07 -15.65 -0.55
N ASP B 86 -31.08 -15.27 0.73
CA ASP B 86 -31.28 -16.21 1.81
C ASP B 86 -32.67 -16.83 1.72
N MET B 87 -32.76 -18.03 1.14
CA MET B 87 -34.06 -18.64 0.91
C MET B 87 -34.62 -19.31 2.16
N ASP B 88 -33.83 -20.19 2.79
CA ASP B 88 -34.30 -20.91 3.97
C ASP B 88 -34.39 -20.03 5.21
N LYS B 89 -33.96 -18.77 5.13
CA LYS B 89 -34.07 -17.80 6.23
C LYS B 89 -33.31 -18.27 7.47
N ASP B 90 -32.08 -18.75 7.25
CA ASP B 90 -31.22 -19.17 8.34
C ASP B 90 -30.25 -18.07 8.79
N GLY B 91 -30.37 -16.86 8.23
CA GLY B 91 -29.50 -15.77 8.58
C GLY B 91 -28.25 -15.64 7.71
N TYR B 92 -28.01 -16.58 6.80
CA TYR B 92 -26.83 -16.56 5.96
C TYR B 92 -27.19 -17.02 4.56
N ILE B 93 -26.35 -16.65 3.60
CA ILE B 93 -26.52 -17.03 2.20
C ILE B 93 -25.44 -18.05 1.86
N SER B 94 -25.87 -19.24 1.46
CA SER B 94 -24.94 -20.29 1.09
C SER B 94 -24.63 -20.23 -0.40
N ASN B 95 -23.84 -21.19 -0.88
CA ASN B 95 -23.45 -21.19 -2.28
C ASN B 95 -24.62 -21.53 -3.19
N GLY B 96 -25.46 -22.49 -2.77
CA GLY B 96 -26.61 -22.85 -3.58
C GLY B 96 -27.67 -21.77 -3.60
N GLU B 97 -27.97 -21.18 -2.44
CA GLU B 97 -28.97 -20.11 -2.38
C GLU B 97 -28.59 -18.94 -3.27
N LEU B 98 -27.30 -18.68 -3.42
CA LEU B 98 -26.86 -17.60 -4.31
C LEU B 98 -26.91 -18.04 -5.77
N PHE B 99 -26.63 -19.32 -6.04
CA PHE B 99 -26.71 -19.82 -7.42
C PHE B 99 -28.16 -19.96 -7.86
N GLN B 100 -29.05 -20.35 -6.95
CA GLN B 100 -30.45 -20.55 -7.32
C GLN B 100 -31.14 -19.23 -7.65
N VAL B 101 -30.98 -18.22 -6.78
CA VAL B 101 -31.64 -16.95 -6.99
C VAL B 101 -31.11 -16.27 -8.25
N LEU B 102 -29.80 -16.30 -8.44
CA LEU B 102 -29.22 -15.72 -9.66
C LEU B 102 -29.72 -16.43 -10.90
N LYS B 103 -29.98 -17.74 -10.80
CA LYS B 103 -30.49 -18.50 -11.94
C LYS B 103 -31.84 -17.99 -12.39
N MET B 104 -32.64 -17.44 -11.46
CA MET B 104 -33.94 -16.88 -11.84
C MET B 104 -33.78 -15.58 -12.60
N MET B 105 -32.89 -14.70 -12.14
CA MET B 105 -32.75 -13.38 -12.74
C MET B 105 -32.04 -13.45 -14.09
N VAL B 106 -31.02 -14.30 -14.20
CA VAL B 106 -30.25 -14.39 -15.44
C VAL B 106 -30.98 -15.20 -16.51
N GLY B 107 -31.94 -16.04 -16.12
CA GLY B 107 -32.64 -16.88 -17.07
C GLY B 107 -31.73 -17.88 -17.76
N ASN B 108 -31.32 -17.56 -18.98
CA ASN B 108 -30.39 -18.40 -19.74
C ASN B 108 -29.28 -17.57 -20.37
N ASN B 109 -29.03 -16.36 -19.87
CA ASN B 109 -27.93 -15.55 -20.37
C ASN B 109 -26.57 -16.08 -19.93
N LEU B 110 -26.54 -16.95 -18.93
CA LEU B 110 -25.32 -17.60 -18.48
C LEU B 110 -25.58 -19.09 -18.31
N LYS B 111 -24.59 -19.90 -18.66
CA LYS B 111 -24.68 -21.33 -18.44
C LYS B 111 -24.41 -21.65 -16.97
N ASP B 112 -24.80 -22.86 -16.56
CA ASP B 112 -24.61 -23.26 -15.17
C ASP B 112 -23.14 -23.27 -14.78
N THR B 113 -22.27 -23.65 -15.71
CA THR B 113 -20.83 -23.72 -15.41
C THR B 113 -20.24 -22.32 -15.26
N GLN B 114 -20.81 -21.32 -15.93
CA GLN B 114 -20.33 -19.95 -15.82
C GLN B 114 -20.93 -19.19 -14.66
N LEU B 115 -22.19 -19.51 -14.30
CA LEU B 115 -22.81 -18.85 -13.16
C LEU B 115 -22.24 -19.33 -11.85
N GLN B 116 -21.88 -20.62 -11.77
CA GLN B 116 -21.33 -21.17 -10.54
C GLN B 116 -19.93 -20.61 -10.25
N GLN B 117 -19.14 -20.37 -11.29
CA GLN B 117 -17.78 -19.88 -11.09
C GLN B 117 -17.77 -18.51 -10.41
N ILE B 118 -18.56 -17.56 -10.94
CA ILE B 118 -18.59 -16.23 -10.36
C ILE B 118 -19.25 -16.23 -8.98
N VAL B 119 -20.12 -17.20 -8.71
CA VAL B 119 -20.74 -17.30 -7.39
C VAL B 119 -19.71 -17.69 -6.35
N ASP B 120 -18.88 -18.67 -6.65
CA ASP B 120 -17.86 -19.12 -5.70
C ASP B 120 -16.83 -18.03 -5.45
N LYS B 121 -16.31 -17.43 -6.52
CA LYS B 121 -15.30 -16.39 -6.37
C LYS B 121 -15.86 -15.15 -5.68
N THR B 122 -17.18 -14.93 -5.78
CA THR B 122 -17.79 -13.84 -5.03
C THR B 122 -17.73 -14.11 -3.53
N ILE B 123 -18.08 -15.32 -3.11
CA ILE B 123 -18.05 -15.66 -1.69
C ILE B 123 -16.61 -15.77 -1.20
N ILE B 124 -15.72 -16.30 -2.03
CA ILE B 124 -14.32 -16.47 -1.62
C ILE B 124 -13.70 -15.13 -1.24
N ASN B 125 -13.94 -14.10 -2.04
CA ASN B 125 -13.43 -12.76 -1.76
C ASN B 125 -14.37 -11.93 -0.89
N ALA B 126 -15.36 -12.57 -0.27
CA ALA B 126 -16.29 -11.84 0.60
C ALA B 126 -16.74 -12.67 1.79
N ASP B 127 -16.01 -13.72 2.14
CA ASP B 127 -16.29 -14.55 3.32
C ASP B 127 -15.14 -14.36 4.31
N LYS B 128 -15.23 -13.29 5.09
CA LYS B 128 -14.21 -12.95 6.07
C LYS B 128 -14.14 -13.92 7.26
N ASP B 129 -14.80 -15.07 7.21
CA ASP B 129 -14.77 -16.02 8.33
C ASP B 129 -14.46 -17.45 7.91
N GLY B 130 -14.56 -17.79 6.64
CA GLY B 130 -14.23 -19.13 6.19
C GLY B 130 -15.32 -20.17 6.39
N ASP B 131 -16.53 -19.76 6.72
CA ASP B 131 -17.63 -20.69 6.92
C ASP B 131 -18.25 -21.17 5.62
N GLY B 132 -17.83 -20.62 4.48
CA GLY B 132 -18.42 -20.98 3.21
C GLY B 132 -19.71 -20.26 2.88
N ARG B 133 -20.06 -19.22 3.63
CA ARG B 133 -21.31 -18.50 3.41
C ARG B 133 -21.07 -17.02 3.68
N ILE B 134 -22.02 -16.20 3.24
CA ILE B 134 -21.95 -14.75 3.38
C ILE B 134 -23.02 -14.30 4.36
N SER B 135 -22.62 -13.54 5.37
CA SER B 135 -23.54 -13.08 6.40
C SER B 135 -24.10 -11.71 6.03
N PHE B 136 -24.98 -11.18 6.90
CA PHE B 136 -25.60 -9.89 6.63
C PHE B 136 -24.57 -8.77 6.66
N GLU B 137 -23.63 -8.82 7.61
CA GLU B 137 -22.55 -7.83 7.64
C GLU B 137 -21.60 -8.03 6.48
N GLU B 138 -21.36 -9.28 6.08
CA GLU B 138 -20.57 -9.55 4.89
C GLU B 138 -21.32 -9.12 3.63
N PHE B 139 -22.65 -9.18 3.66
CA PHE B 139 -23.44 -8.73 2.52
C PHE B 139 -23.46 -7.21 2.41
N CYS B 140 -23.34 -6.51 3.53
CA CYS B 140 -23.36 -5.04 3.49
C CYS B 140 -22.00 -4.45 3.14
N ALA B 141 -20.91 -5.15 3.47
CA ALA B 141 -19.57 -4.65 3.18
C ALA B 141 -19.27 -4.60 1.69
N VAL B 142 -20.13 -5.16 0.85
CA VAL B 142 -19.93 -5.11 -0.60
C VAL B 142 -21.00 -4.26 -1.30
N VAL B 143 -22.19 -4.13 -0.72
CA VAL B 143 -23.25 -3.36 -1.35
C VAL B 143 -23.22 -1.93 -0.81
N GLY B 144 -23.89 -1.03 -1.52
CA GLY B 144 -23.88 0.38 -1.17
C GLY B 144 -22.65 1.08 -1.70
N GLY B 145 -21.48 0.74 -1.16
CA GLY B 145 -20.23 1.30 -1.64
C GLY B 145 -19.31 0.25 -2.21
N LEU B 146 -18.06 0.62 -2.46
CA LEU B 146 -17.07 -0.30 -3.02
C LEU B 146 -16.77 -1.45 -2.06
N LYS C 8 22.69 -15.90 -46.79
CA LYS C 8 22.86 -16.64 -45.55
C LYS C 8 21.62 -16.51 -44.67
N LYS C 9 20.49 -16.28 -45.32
CA LYS C 9 19.23 -16.13 -44.61
C LYS C 9 18.78 -17.47 -44.03
N PRO C 10 18.07 -17.44 -42.90
CA PRO C 10 17.57 -18.68 -42.31
C PRO C 10 16.32 -19.19 -43.04
N LYS C 11 15.96 -20.42 -42.72
CA LYS C 11 14.79 -21.06 -43.31
C LYS C 11 13.57 -20.82 -42.42
N ILE C 12 12.41 -20.65 -43.06
CA ILE C 12 11.17 -20.33 -42.38
C ILE C 12 10.20 -21.49 -42.54
N ILE C 13 9.71 -22.01 -41.42
CA ILE C 13 8.78 -23.14 -41.40
C ILE C 13 7.61 -22.80 -40.50
N ILE C 14 6.39 -22.99 -41.00
CA ILE C 14 5.17 -22.76 -40.25
C ILE C 14 4.65 -24.10 -39.75
N THR C 15 4.41 -24.20 -38.44
CA THR C 15 3.86 -25.39 -37.83
C THR C 15 2.44 -25.05 -37.37
N GLY C 16 1.46 -25.33 -38.22
CA GLY C 16 0.08 -24.97 -37.95
C GLY C 16 -0.59 -25.88 -36.94
N CYS C 17 -1.86 -25.56 -36.69
CA CYS C 17 -2.68 -26.31 -35.75
C CYS C 17 -4.12 -26.27 -36.22
N GLU C 18 -5.01 -26.84 -35.41
CA GLU C 18 -6.43 -26.81 -35.72
C GLU C 18 -7.07 -25.53 -35.22
N ASP C 19 -8.30 -25.28 -35.66
CA ASP C 19 -8.99 -24.05 -35.31
C ASP C 19 -9.31 -24.01 -33.82
N ASN C 20 -9.44 -22.80 -33.28
CA ASN C 20 -9.72 -22.63 -31.87
C ASN C 20 -11.08 -23.23 -31.51
N VAL C 21 -11.15 -23.82 -30.32
CA VAL C 21 -12.39 -24.39 -29.78
C VAL C 21 -12.68 -23.64 -28.48
N TYR C 22 -13.69 -22.77 -28.52
CA TYR C 22 -14.05 -21.95 -27.36
C TYR C 22 -15.57 -21.98 -27.21
N GLU C 23 -16.05 -21.26 -26.20
CA GLU C 23 -17.46 -21.21 -25.85
C GLU C 23 -18.01 -19.82 -26.11
N LYS C 24 -19.12 -19.74 -26.85
CA LYS C 24 -19.77 -18.47 -27.15
C LYS C 24 -20.76 -18.14 -26.04
N LEU C 25 -20.73 -16.89 -25.58
CA LEU C 25 -21.69 -16.46 -24.56
C LEU C 25 -23.07 -16.33 -25.17
N PRO C 26 -24.10 -16.91 -24.58
CA PRO C 26 -25.45 -16.79 -25.15
C PRO C 26 -25.91 -15.34 -25.15
N GLU C 27 -26.70 -14.99 -26.17
CA GLU C 27 -27.16 -13.61 -26.32
C GLU C 27 -27.98 -13.18 -25.11
N GLN C 28 -27.67 -11.99 -24.60
CA GLN C 28 -28.25 -11.51 -23.35
C GLN C 28 -29.66 -10.97 -23.61
N ASN C 29 -30.66 -11.60 -23.00
CA ASN C 29 -32.02 -11.08 -23.03
C ASN C 29 -32.11 -9.87 -22.11
N SER C 30 -32.31 -8.69 -22.70
CA SER C 30 -32.33 -7.46 -21.92
C SER C 30 -33.46 -7.43 -20.90
N ASN C 31 -34.49 -8.27 -21.07
CA ASN C 31 -35.55 -8.35 -20.07
C ASN C 31 -35.05 -8.95 -18.76
N PHE C 32 -34.12 -9.90 -18.83
CA PHE C 32 -33.60 -10.57 -17.65
C PHE C 32 -32.37 -9.83 -17.13
N LEU C 33 -31.62 -10.47 -16.23
CA LEU C 33 -30.39 -9.91 -15.70
C LEU C 33 -29.27 -10.24 -16.68
N ASP C 34 -28.85 -9.24 -17.46
CA ASP C 34 -27.88 -9.44 -18.52
C ASP C 34 -26.49 -9.05 -18.08
N VAL C 35 -25.49 -9.63 -18.75
CA VAL C 35 -24.08 -9.35 -18.48
C VAL C 35 -23.67 -8.12 -19.28
N PRO C 36 -22.88 -7.21 -18.70
CA PRO C 36 -22.38 -6.08 -19.48
C PRO C 36 -21.52 -6.53 -20.64
N GLU C 37 -21.33 -5.62 -21.59
CA GLU C 37 -20.58 -5.90 -22.81
C GLU C 37 -19.20 -5.25 -22.75
N ILE C 38 -18.27 -5.83 -23.49
CA ILE C 38 -16.88 -5.38 -23.52
C ILE C 38 -16.56 -4.88 -24.93
N VAL C 39 -15.76 -3.82 -25.00
CA VAL C 39 -15.33 -3.28 -26.29
C VAL C 39 -13.95 -3.83 -26.66
N PRO C 46 -9.00 -0.64 -36.29
CA PRO C 46 -9.59 -0.88 -34.96
C PRO C 46 -9.59 -2.35 -34.58
N ARG C 47 -9.89 -3.24 -35.53
CA ARG C 47 -9.92 -4.66 -35.27
C ARG C 47 -8.54 -5.31 -35.40
N ARG C 48 -7.54 -4.59 -35.89
N ARG C 48 -7.55 -4.59 -35.93
CA ARG C 48 -6.18 -5.09 -36.01
CA ARG C 48 -6.18 -5.09 -35.99
C ARG C 48 -5.27 -4.51 -34.93
C ARG C 48 -5.31 -4.51 -34.88
N ARG C 49 -5.28 -3.20 -34.75
CA ARG C 49 -4.53 -2.55 -33.69
C ARG C 49 -5.38 -2.51 -32.42
N ILE C 51 -6.13 -0.38 -28.64
CA ILE C 51 -6.92 0.81 -28.34
C ILE C 51 -6.00 1.98 -27.96
N ARG C 52 -6.34 3.17 -28.45
CA ARG C 52 -5.59 4.37 -28.14
C ARG C 52 -5.68 4.68 -26.65
N PRO C 53 -4.75 5.51 -26.12
CA PRO C 53 -4.83 5.91 -24.71
C PRO C 53 -6.10 6.71 -24.39
N THR D 14 8.23 36.05 2.60
CA THR D 14 6.89 35.79 3.14
C THR D 14 6.69 36.53 4.46
N ASP D 15 5.88 35.93 5.34
CA ASP D 15 5.60 36.50 6.66
C ASP D 15 5.99 35.55 7.78
N ARG D 16 6.91 34.64 7.52
CA ARG D 16 7.38 33.72 8.56
C ARG D 16 8.07 34.49 9.67
N VAL D 17 7.71 34.18 10.91
CA VAL D 17 8.15 34.95 12.06
C VAL D 17 9.56 34.54 12.49
N VAL D 18 9.69 33.33 13.03
CA VAL D 18 10.96 32.87 13.57
C VAL D 18 11.82 32.33 12.44
N LYS D 19 13.02 32.90 12.30
CA LYS D 19 14.01 32.42 11.35
C LYS D 19 15.15 31.66 12.00
N ALA D 20 15.15 31.52 13.32
CA ALA D 20 16.21 30.81 14.02
C ALA D 20 16.14 29.31 13.84
N VAL D 21 15.11 28.79 13.18
CA VAL D 21 14.98 27.36 12.92
C VAL D 21 14.95 27.15 11.42
N PRO D 22 15.59 26.10 10.91
CA PRO D 22 15.60 25.87 9.46
C PRO D 22 14.24 25.46 8.94
N PHE D 23 14.00 25.76 7.67
CA PHE D 23 12.75 25.40 7.02
C PHE D 23 12.90 24.07 6.30
N PRO D 24 12.13 23.05 6.64
CA PRO D 24 12.30 21.73 6.02
C PRO D 24 12.01 21.78 4.54
N PRO D 25 12.87 21.19 3.71
CA PRO D 25 12.63 21.20 2.27
C PRO D 25 11.46 20.31 1.89
N SER D 26 10.61 20.84 1.01
CA SER D 26 9.45 20.09 0.53
C SER D 26 9.80 19.16 -0.62
N HIS D 27 11.02 19.22 -1.14
CA HIS D 27 11.42 18.36 -2.25
C HIS D 27 11.62 16.93 -1.77
N ARG D 28 11.03 15.98 -2.49
CA ARG D 28 11.23 14.56 -2.24
C ARG D 28 12.36 14.06 -3.14
N LEU D 29 13.40 13.50 -2.53
CA LEU D 29 14.54 13.02 -3.30
C LEU D 29 14.11 11.92 -4.27
N THR D 30 14.67 11.96 -5.47
CA THR D 30 14.30 11.03 -6.53
C THR D 30 15.21 9.79 -6.50
N ALA D 31 14.93 8.85 -7.39
CA ALA D 31 15.71 7.62 -7.45
C ALA D 31 17.12 7.87 -7.97
N LYS D 32 17.29 8.81 -8.90
CA LYS D 32 18.61 9.13 -9.43
C LYS D 32 19.42 10.00 -8.49
N GLU D 33 18.78 10.70 -7.56
CA GLU D 33 19.51 11.49 -6.58
C GLU D 33 20.02 10.64 -5.43
N VAL D 34 19.31 9.56 -5.09
CA VAL D 34 19.69 8.72 -3.96
C VAL D 34 20.68 7.63 -4.39
N PHE D 35 20.44 7.00 -5.53
CA PHE D 35 21.31 5.93 -6.03
C PHE D 35 22.20 6.45 -7.15
N ASP D 36 23.43 5.95 -7.19
CA ASP D 36 24.38 6.33 -8.23
C ASP D 36 24.23 5.40 -9.43
N ASN D 37 25.21 5.42 -10.33
CA ASN D 37 25.15 4.60 -11.54
C ASN D 37 25.44 3.13 -11.28
N ASP D 38 25.90 2.77 -10.09
CA ASP D 38 26.19 1.40 -9.73
C ASP D 38 25.17 0.82 -8.77
N GLY D 39 24.07 1.53 -8.51
CA GLY D 39 23.05 1.08 -7.59
C GLY D 39 23.32 1.36 -6.13
N LYS D 40 24.51 1.86 -5.78
CA LYS D 40 24.82 2.13 -4.39
C LYS D 40 24.07 3.38 -3.93
N PRO D 41 23.64 3.41 -2.67
CA PRO D 41 23.00 4.61 -2.14
C PRO D 41 24.00 5.70 -1.81
N ARG D 42 23.58 6.95 -2.00
CA ARG D 42 24.39 8.11 -1.64
C ARG D 42 24.10 8.43 -0.18
N VAL D 43 24.92 7.87 0.72
CA VAL D 43 24.68 8.08 2.15
C VAL D 43 25.06 9.49 2.56
N ASP D 44 25.99 10.12 1.84
CA ASP D 44 26.36 11.51 2.14
C ASP D 44 25.31 12.50 1.66
N ILE D 45 24.49 12.12 0.69
CA ILE D 45 23.36 12.95 0.30
C ILE D 45 22.12 12.64 1.15
N LEU D 46 22.00 11.40 1.62
CA LEU D 46 20.88 11.04 2.49
C LEU D 46 21.08 11.60 3.90
N LYS D 47 22.30 11.53 4.43
CA LYS D 47 22.57 12.11 5.74
C LYS D 47 22.26 13.60 5.75
N ALA D 48 22.66 14.31 4.69
CA ALA D 48 22.40 15.75 4.64
C ALA D 48 20.92 16.06 4.49
N HIS D 49 20.19 15.21 3.77
CA HIS D 49 18.77 15.48 3.53
C HIS D 49 17.90 15.03 4.69
N LEU D 50 18.18 13.85 5.26
CA LEU D 50 17.36 13.35 6.35
C LEU D 50 17.57 14.15 7.63
N MET D 51 18.72 14.79 7.80
CA MET D 51 18.96 15.59 9.00
C MET D 51 18.13 16.86 9.03
N LYS D 52 17.69 17.36 7.88
CA LYS D 52 16.89 18.58 7.81
C LYS D 52 15.42 18.28 7.58
N GLU D 53 14.92 17.18 8.13
CA GLU D 53 13.52 16.76 8.00
C GLU D 53 13.11 16.56 6.54
N GLY D 54 14.09 16.32 5.66
CA GLY D 54 13.79 16.12 4.25
C GLY D 54 13.33 14.71 3.93
N ARG D 55 12.14 14.59 3.34
CA ARG D 55 11.59 13.30 2.99
C ARG D 55 12.12 12.83 1.63
N LEU D 56 11.90 11.55 1.36
CA LEU D 56 12.23 10.95 0.07
C LEU D 56 10.95 10.62 -0.68
N GLU D 57 11.10 10.28 -1.96
CA GLU D 57 9.98 9.71 -2.70
C GLU D 57 9.63 8.35 -2.11
N GLU D 58 8.33 8.08 -2.00
CA GLU D 58 7.88 6.84 -1.38
C GLU D 58 8.40 5.63 -2.14
N SER D 59 8.47 5.72 -3.46
CA SER D 59 9.02 4.62 -4.25
C SER D 59 10.51 4.43 -3.98
N VAL D 60 11.23 5.52 -3.70
CA VAL D 60 12.66 5.42 -3.42
C VAL D 60 12.89 4.82 -2.04
N ALA D 61 12.07 5.20 -1.06
CA ALA D 61 12.23 4.66 0.29
C ALA D 61 11.98 3.16 0.32
N LEU D 62 11.05 2.68 -0.49
CA LEU D 62 10.76 1.24 -0.52
C LEU D 62 11.89 0.45 -1.16
N ARG D 63 12.61 1.05 -2.13
CA ARG D 63 13.72 0.38 -2.76
C ARG D 63 14.88 0.16 -1.79
N ILE D 64 15.09 1.12 -0.88
CA ILE D 64 16.15 0.96 0.12
C ILE D 64 15.76 -0.12 1.12
N ILE D 65 14.48 -0.20 1.48
CA ILE D 65 14.03 -1.20 2.45
C ILE D 65 14.13 -2.60 1.86
N THR D 66 13.66 -2.76 0.61
CA THR D 66 13.61 -4.08 0.00
C THR D 66 15.02 -4.63 -0.26
N GLU D 67 15.87 -3.84 -0.92
CA GLU D 67 17.23 -4.29 -1.18
C GLU D 67 17.97 -4.60 0.11
N GLY D 68 17.73 -3.81 1.16
CA GLY D 68 18.34 -4.10 2.44
C GLY D 68 17.80 -5.37 3.05
N ALA D 69 16.47 -5.56 3.01
CA ALA D 69 15.87 -6.77 3.56
C ALA D 69 16.30 -8.01 2.79
N SER D 70 16.62 -7.86 1.50
CA SER D 70 17.15 -8.99 0.73
C SER D 70 18.51 -9.42 1.27
N ILE D 71 19.37 -8.45 1.59
CA ILE D 71 20.65 -8.77 2.19
C ILE D 71 20.45 -9.26 3.63
N LEU D 72 19.37 -8.82 4.28
CA LEU D 72 19.04 -9.33 5.60
C LEU D 72 18.48 -10.74 5.54
N ARG D 73 17.68 -11.04 4.52
CA ARG D 73 17.07 -12.36 4.39
C ARG D 73 18.09 -13.44 4.07
N GLN D 74 19.25 -13.07 3.52
CA GLN D 74 20.26 -14.06 3.16
C GLN D 74 21.15 -14.46 4.33
N GLU D 75 21.16 -13.67 5.40
CA GLU D 75 22.04 -13.93 6.53
C GLU D 75 21.41 -14.92 7.51
N LYS D 76 22.25 -15.49 8.36
CA LYS D 76 21.85 -16.53 9.29
C LYS D 76 21.31 -15.91 10.59
N ASN D 77 20.70 -16.76 11.42
CA ASN D 77 20.19 -16.30 12.70
C ASN D 77 21.32 -15.88 13.63
N LEU D 78 22.42 -16.62 13.60
CA LEU D 78 23.59 -16.34 14.45
C LEU D 78 24.74 -15.92 13.53
N LEU D 79 24.98 -14.62 13.46
CA LEU D 79 26.03 -14.10 12.60
C LEU D 79 27.41 -14.46 13.16
N ASP D 80 28.43 -14.29 12.31
CA ASP D 80 29.82 -14.53 12.69
C ASP D 80 30.62 -13.27 12.38
N ILE D 81 30.93 -12.49 13.42
CA ILE D 81 31.66 -11.25 13.29
C ILE D 81 32.99 -11.39 14.01
N ASP D 82 34.02 -10.74 13.45
CA ASP D 82 35.36 -10.77 14.02
C ASP D 82 35.79 -9.36 14.41
N ALA D 83 36.64 -9.28 15.42
CA ALA D 83 37.16 -7.99 15.86
C ALA D 83 38.10 -7.41 14.81
N PRO D 84 38.18 -6.08 14.71
CA PRO D 84 37.50 -5.06 15.52
C PRO D 84 36.08 -4.75 15.04
N VAL D 85 35.21 -4.29 15.94
CA VAL D 85 33.82 -3.99 15.60
C VAL D 85 33.28 -3.05 16.67
N THR D 86 32.40 -2.14 16.25
CA THR D 86 31.73 -1.21 17.17
C THR D 86 30.32 -1.74 17.43
N VAL D 87 30.10 -2.28 18.61
CA VAL D 87 28.80 -2.84 18.99
C VAL D 87 27.96 -1.73 19.59
N CYS D 88 26.83 -1.43 18.96
CA CYS D 88 25.95 -0.37 19.40
C CYS D 88 24.73 -0.94 20.12
N GLY D 89 24.05 -0.07 20.85
CA GLY D 89 22.88 -0.48 21.61
C GLY D 89 21.58 0.02 21.00
N ALA D 90 20.59 0.27 21.86
CA ALA D 90 19.28 0.71 21.39
C ALA D 90 19.35 2.15 20.89
N ILE D 91 18.80 2.39 19.70
CA ILE D 91 18.77 3.73 19.13
C ILE D 91 17.45 4.43 19.47
N HIS D 92 16.34 3.71 19.39
CA HIS D 92 15.01 4.20 19.79
C HIS D 92 14.62 5.45 19.00
N GLY D 93 14.87 5.41 17.69
CA GLY D 93 14.45 6.48 16.81
C GLY D 93 15.03 7.84 17.14
N GLN D 94 16.33 7.89 17.38
CA GLN D 94 17.04 9.14 17.65
C GLN D 94 18.10 9.33 16.57
N PHE D 95 17.63 9.70 15.37
CA PHE D 95 18.52 9.80 14.21
C PHE D 95 19.59 10.85 14.42
N PHE D 96 19.26 11.94 15.11
CA PHE D 96 20.25 12.98 15.35
C PHE D 96 21.31 12.54 16.35
N ASP D 97 20.93 11.70 17.32
CA ASP D 97 21.93 11.08 18.19
C ASP D 97 22.64 9.92 17.49
N LEU D 98 22.03 9.34 16.45
CA LEU D 98 22.69 8.29 15.69
C LEU D 98 23.87 8.82 14.89
N MET D 99 23.81 10.08 14.47
CA MET D 99 24.89 10.65 13.68
C MET D 99 26.17 10.78 14.51
N LYS D 100 26.05 11.24 15.75
CA LYS D 100 27.22 11.30 16.62
C LYS D 100 27.71 9.91 17.02
N LEU D 101 26.79 8.94 17.09
CA LEU D 101 27.19 7.57 17.37
C LEU D 101 28.18 7.06 16.34
N PHE D 102 27.98 7.42 15.07
CA PHE D 102 28.93 7.03 14.03
C PHE D 102 30.23 7.80 14.16
N GLU D 103 30.15 9.09 14.48
CA GLU D 103 31.37 9.88 14.66
C GLU D 103 32.18 9.40 15.86
N VAL D 104 31.51 8.86 16.88
CA VAL D 104 32.24 8.30 18.02
C VAL D 104 32.74 6.90 17.71
N GLY D 105 31.90 6.07 17.09
CA GLY D 105 32.27 4.70 16.81
C GLY D 105 33.08 4.49 15.54
N GLY D 106 33.26 5.53 14.74
CA GLY D 106 34.02 5.40 13.51
C GLY D 106 33.12 5.35 12.29
N SER D 107 33.68 5.76 11.16
CA SER D 107 32.90 5.78 9.93
C SER D 107 32.61 4.36 9.46
N PRO D 108 31.38 4.09 9.01
CA PRO D 108 31.07 2.73 8.50
C PRO D 108 31.84 2.36 7.26
N ALA D 109 32.54 3.31 6.62
CA ALA D 109 33.34 2.99 5.45
C ALA D 109 34.62 2.25 5.81
N ASN D 110 35.05 2.30 7.07
CA ASN D 110 36.26 1.61 7.50
C ASN D 110 36.12 1.01 8.89
N THR D 111 34.90 0.78 9.37
CA THR D 111 34.67 0.23 10.70
C THR D 111 33.53 -0.78 10.64
N ARG D 112 33.72 -1.91 11.31
CA ARG D 112 32.64 -2.86 11.47
C ARG D 112 31.67 -2.39 12.54
N TYR D 113 30.38 -2.70 12.33
CA TYR D 113 29.33 -2.30 13.24
C TYR D 113 28.43 -3.48 13.56
N LEU D 114 27.94 -3.51 14.79
CA LEU D 114 26.99 -4.55 15.24
C LEU D 114 25.93 -3.87 16.08
N PHE D 115 24.80 -3.56 15.47
CA PHE D 115 23.67 -3.00 16.20
C PHE D 115 22.86 -4.13 16.83
N LEU D 116 22.42 -3.92 18.07
CA LEU D 116 21.76 -4.95 18.86
C LEU D 116 20.25 -4.81 18.90
N GLY D 117 19.68 -3.97 18.04
CA GLY D 117 18.24 -3.87 17.90
C GLY D 117 17.69 -2.57 18.46
N ASP D 118 16.36 -2.50 18.46
CA ASP D 118 15.60 -1.34 18.93
C ASP D 118 16.01 -0.07 18.18
N TYR D 119 15.61 -0.04 16.91
CA TYR D 119 15.83 1.12 16.06
C TYR D 119 14.62 2.04 16.00
N VAL D 120 13.42 1.50 16.19
CA VAL D 120 12.18 2.27 16.07
C VAL D 120 11.55 2.44 17.45
N ASP D 121 10.42 3.15 17.48
CA ASP D 121 9.65 3.42 18.70
C ASP D 121 10.44 4.25 19.71
N ARG D 122 9.72 4.87 20.65
CA ARG D 122 10.28 5.73 21.69
C ARG D 122 11.09 6.88 21.12
N GLY D 123 10.79 7.29 19.89
CA GLY D 123 11.50 8.40 19.26
C GLY D 123 10.73 8.89 18.07
N TYR D 124 10.93 10.18 17.75
CA TYR D 124 10.18 10.84 16.69
C TYR D 124 10.95 10.90 15.38
N PHE D 125 11.95 10.03 15.19
CA PHE D 125 12.70 10.00 13.94
C PHE D 125 13.09 8.56 13.61
N SER D 126 12.17 7.62 13.82
CA SER D 126 12.49 6.21 13.67
C SER D 126 12.71 5.84 12.20
N ILE D 127 11.86 6.36 11.31
CA ILE D 127 11.99 6.00 9.89
C ILE D 127 13.27 6.59 9.30
N GLU D 128 13.72 7.75 9.79
CA GLU D 128 15.00 8.28 9.35
C GLU D 128 16.14 7.36 9.78
N CYS D 129 16.01 6.73 10.96
CA CYS D 129 16.99 5.74 11.38
C CYS D 129 16.95 4.51 10.49
N VAL D 130 15.75 4.05 10.13
CA VAL D 130 15.61 2.84 9.32
C VAL D 130 16.17 3.09 7.91
N LEU D 131 15.78 4.21 7.30
CA LEU D 131 16.22 4.50 5.94
C LEU D 131 17.73 4.67 5.86
N TYR D 132 18.32 5.28 6.89
CA TYR D 132 19.77 5.51 6.86
C TYR D 132 20.54 4.22 7.11
N LEU D 133 20.07 3.39 8.04
CA LEU D 133 20.77 2.14 8.34
C LEU D 133 20.58 1.12 7.21
N TRP D 134 19.38 1.06 6.63
CA TRP D 134 19.16 0.15 5.51
C TRP D 134 19.95 0.57 4.28
N ALA D 135 20.17 1.87 4.09
CA ALA D 135 21.04 2.32 3.01
C ALA D 135 22.50 2.02 3.32
N LEU D 136 22.88 2.05 4.59
CA LEU D 136 24.24 1.63 4.96
C LEU D 136 24.41 0.13 4.82
N LYS D 137 23.37 -0.65 5.11
CA LYS D 137 23.44 -2.10 4.94
C LYS D 137 23.63 -2.47 3.47
N ILE D 138 23.07 -1.67 2.56
CA ILE D 138 23.27 -1.91 1.14
C ILE D 138 24.69 -1.51 0.73
N LEU D 139 25.18 -0.39 1.28
CA LEU D 139 26.51 0.08 0.92
C LEU D 139 27.61 -0.75 1.58
N TYR D 140 27.42 -1.16 2.83
CA TYR D 140 28.39 -1.96 3.57
C TYR D 140 27.71 -3.23 4.06
N PRO D 141 27.51 -4.21 3.18
CA PRO D 141 26.81 -5.45 3.58
C PRO D 141 27.66 -6.45 4.33
N LYS D 142 28.99 -6.29 4.31
CA LYS D 142 29.88 -7.23 4.98
C LYS D 142 30.51 -6.69 6.25
N THR D 143 30.33 -5.39 6.55
CA THR D 143 30.88 -4.80 7.76
C THR D 143 29.82 -4.27 8.70
N LEU D 144 28.68 -3.79 8.20
CA LEU D 144 27.61 -3.29 9.03
C LEU D 144 26.54 -4.37 9.18
N PHE D 145 26.17 -4.67 10.43
CA PHE D 145 25.22 -5.73 10.72
C PHE D 145 24.13 -5.21 11.64
N LEU D 146 22.88 -5.52 11.30
CA LEU D 146 21.71 -5.08 12.05
C LEU D 146 21.00 -6.28 12.64
N LEU D 147 20.78 -6.27 13.94
CA LEU D 147 20.03 -7.31 14.63
C LEU D 147 18.60 -6.86 14.85
N ARG D 148 17.82 -7.71 15.54
CA ARG D 148 16.43 -7.43 15.84
C ARG D 148 16.25 -7.30 17.35
N GLY D 149 15.43 -6.33 17.75
CA GLY D 149 15.07 -6.14 19.14
C GLY D 149 13.61 -6.46 19.41
N ASN D 150 13.17 -6.09 20.61
CA ASN D 150 11.77 -6.32 20.97
C ASN D 150 10.84 -5.37 20.22
N HIS D 151 11.31 -4.18 19.87
CA HIS D 151 10.48 -3.19 19.19
C HIS D 151 10.33 -3.46 17.70
N GLU D 152 11.24 -4.23 17.10
CA GLU D 152 11.20 -4.51 15.66
C GLU D 152 10.16 -5.60 15.36
N CYS D 153 8.91 -5.31 15.71
CA CYS D 153 7.80 -6.21 15.44
C CYS D 153 6.58 -5.36 15.09
N ARG D 154 5.43 -6.03 14.96
CA ARG D 154 4.20 -5.36 14.53
C ARG D 154 3.30 -4.95 15.69
N HIS D 155 3.32 -5.70 16.80
CA HIS D 155 2.42 -5.40 17.92
C HIS D 155 2.89 -4.20 18.73
N LEU D 156 4.18 -3.87 18.70
CA LEU D 156 4.67 -2.73 19.45
C LEU D 156 4.68 -1.45 18.63
N THR D 157 4.99 -1.54 17.34
CA THR D 157 5.01 -0.34 16.50
C THR D 157 3.63 0.27 16.35
N GLU D 158 2.58 -0.55 16.36
CA GLU D 158 1.22 -0.02 16.35
C GLU D 158 0.77 0.46 17.72
N TYR D 159 1.38 -0.08 18.79
CA TYR D 159 1.10 0.41 20.13
C TYR D 159 1.84 1.70 20.41
N PHE D 160 3.10 1.80 19.97
CA PHE D 160 3.89 3.00 20.19
C PHE D 160 3.67 4.03 19.07
N THR D 161 4.75 4.48 18.44
CA THR D 161 4.68 5.60 17.52
C THR D 161 5.26 5.35 16.13
N PHE D 162 5.93 4.22 15.90
CA PHE D 162 6.55 4.01 14.59
C PHE D 162 5.51 3.87 13.48
N LYS D 163 4.35 3.27 13.79
CA LYS D 163 3.30 3.15 12.78
C LYS D 163 2.74 4.52 12.42
N GLN D 164 2.47 5.36 13.43
CA GLN D 164 1.99 6.70 13.16
C GLN D 164 3.04 7.54 12.45
N GLU D 165 4.33 7.32 12.76
CA GLU D 165 5.39 8.06 12.10
C GLU D 165 5.47 7.72 10.62
N CYS D 166 5.29 6.44 10.27
CA CYS D 166 5.29 6.07 8.86
C CYS D 166 4.09 6.65 8.13
N LYS D 167 2.97 6.83 8.83
CA LYS D 167 1.76 7.33 8.17
C LYS D 167 1.85 8.83 7.92
N ILE D 168 2.32 9.60 8.91
CA ILE D 168 2.38 11.06 8.76
C ILE D 168 3.49 11.43 7.78
N LYS D 169 4.71 10.93 8.01
CA LYS D 169 5.83 11.30 7.16
C LYS D 169 5.70 10.71 5.76
N TYR D 170 5.58 9.38 5.67
CA TYR D 170 5.41 8.73 4.38
C TYR D 170 4.01 8.13 4.26
N SER D 171 3.93 6.81 4.13
CA SER D 171 2.65 6.13 3.95
C SER D 171 2.66 4.81 4.70
N GLU D 172 1.48 4.23 4.85
CA GLU D 172 1.35 2.93 5.48
C GLU D 172 1.94 1.81 4.62
N ARG D 173 2.11 2.03 3.32
CA ARG D 173 2.81 1.05 2.50
C ARG D 173 4.27 0.94 2.92
N VAL D 174 4.85 2.03 3.44
CA VAL D 174 6.21 1.97 3.95
C VAL D 174 6.25 1.22 5.28
N TYR D 175 5.21 1.35 6.09
CA TYR D 175 5.16 0.66 7.37
C TYR D 175 5.14 -0.85 7.18
N ASP D 176 4.27 -1.33 6.29
CA ASP D 176 4.19 -2.77 6.05
C ASP D 176 5.48 -3.31 5.44
N ALA D 177 6.08 -2.55 4.52
CA ALA D 177 7.35 -2.96 3.92
C ALA D 177 8.47 -3.03 4.95
N CYS D 178 8.34 -2.31 6.06
CA CYS D 178 9.29 -2.40 7.16
C CYS D 178 8.97 -3.55 8.10
N MET D 179 7.69 -3.82 8.33
CA MET D 179 7.33 -4.96 9.16
C MET D 179 7.74 -6.27 8.51
N ASP D 180 7.61 -6.35 7.18
CA ASP D 180 8.11 -7.51 6.46
C ASP D 180 9.62 -7.48 6.28
N ALA D 181 10.24 -6.32 6.46
CA ALA D 181 11.70 -6.25 6.46
C ALA D 181 12.29 -6.60 7.82
N PHE D 182 11.58 -6.27 8.90
CA PHE D 182 12.05 -6.61 10.24
C PHE D 182 12.00 -8.11 10.50
N ASP D 183 11.18 -8.85 9.76
CA ASP D 183 11.15 -10.30 9.91
C ASP D 183 12.45 -10.95 9.47
N CYS D 184 13.22 -10.28 8.62
CA CYS D 184 14.48 -10.82 8.12
C CYS D 184 15.67 -10.46 9.02
N LEU D 185 15.47 -9.63 10.03
CA LEU D 185 16.57 -9.22 10.89
C LEU D 185 17.09 -10.42 11.67
N PRO D 186 18.41 -10.66 11.67
CA PRO D 186 18.95 -11.78 12.45
C PRO D 186 18.70 -11.60 13.95
N LEU D 187 18.66 -12.72 14.66
CA LEU D 187 18.35 -12.69 16.09
C LEU D 187 19.60 -12.38 16.91
N ALA D 188 20.65 -13.20 16.75
CA ALA D 188 21.86 -13.04 17.55
C ALA D 188 23.09 -12.92 16.65
N ALA D 189 24.27 -12.89 17.27
CA ALA D 189 25.52 -12.78 16.51
C ALA D 189 26.66 -13.25 17.40
N LEU D 190 27.42 -14.25 16.94
CA LEU D 190 28.59 -14.73 17.64
C LEU D 190 29.79 -13.91 17.19
N MET D 191 30.31 -13.06 18.07
CA MET D 191 31.34 -12.09 17.72
C MET D 191 32.70 -12.57 18.23
N ASN D 192 33.61 -12.86 17.29
CA ASN D 192 35.02 -13.15 17.58
C ASN D 192 35.18 -14.42 18.41
N GLN D 193 34.24 -15.36 18.27
CA GLN D 193 34.30 -16.65 18.95
C GLN D 193 34.39 -16.50 20.48
N GLN D 194 33.81 -15.42 21.01
CA GLN D 194 33.94 -15.15 22.43
C GLN D 194 32.65 -14.60 23.03
N PHE D 195 32.07 -13.59 22.39
CA PHE D 195 30.95 -12.84 22.94
C PHE D 195 29.68 -13.16 22.17
N LEU D 196 28.62 -13.49 22.91
CA LEU D 196 27.28 -13.65 22.33
C LEU D 196 26.55 -12.32 22.41
N CYS D 197 26.03 -11.87 21.27
CA CYS D 197 25.38 -10.56 21.16
C CYS D 197 23.91 -10.75 20.82
N VAL D 198 23.04 -10.59 21.82
CA VAL D 198 21.61 -10.64 21.62
C VAL D 198 21.01 -9.30 22.05
N HIS D 199 19.69 -9.17 21.96
CA HIS D 199 19.02 -7.97 22.46
C HIS D 199 18.61 -8.17 23.91
N GLY D 200 17.66 -9.06 24.16
CA GLY D 200 17.20 -9.34 25.50
C GLY D 200 18.21 -10.12 26.33
N GLY D 201 18.32 -11.41 26.08
CA GLY D 201 19.25 -12.24 26.82
C GLY D 201 19.13 -13.72 26.52
N LEU D 202 19.12 -14.54 27.57
CA LEU D 202 19.13 -15.99 27.43
C LEU D 202 17.70 -16.53 27.41
N SER D 203 17.57 -17.85 27.47
CA SER D 203 16.27 -18.51 27.40
C SER D 203 16.41 -19.90 27.99
N PRO D 204 15.37 -20.43 28.64
CA PRO D 204 15.42 -21.82 29.11
C PRO D 204 15.44 -22.86 28.01
N GLU D 205 15.13 -22.47 26.77
CA GLU D 205 15.15 -23.37 25.62
C GLU D 205 16.42 -23.25 24.79
N ILE D 206 17.38 -22.43 25.23
CA ILE D 206 18.61 -22.18 24.48
C ILE D 206 19.77 -22.55 25.40
N ASN D 207 20.31 -23.75 25.21
CA ASN D 207 21.46 -24.22 25.98
C ASN D 207 22.76 -24.21 25.19
N THR D 208 22.70 -24.38 23.87
CA THR D 208 23.87 -24.33 23.01
C THR D 208 23.62 -23.35 21.88
N LEU D 209 24.69 -23.05 21.13
CA LEU D 209 24.56 -22.13 20.01
C LEU D 209 23.75 -22.73 18.86
N ASP D 210 23.59 -24.05 18.82
CA ASP D 210 22.78 -24.68 17.78
C ASP D 210 21.30 -24.39 17.97
N ASP D 211 20.87 -24.05 19.18
CA ASP D 211 19.46 -23.75 19.41
C ASP D 211 19.07 -22.42 18.77
N ILE D 212 20.02 -21.49 18.64
CA ILE D 212 19.74 -20.22 17.97
C ILE D 212 19.59 -20.44 16.46
N ARG D 213 20.47 -21.26 15.89
CA ARG D 213 20.45 -21.48 14.44
C ARG D 213 19.21 -22.20 13.97
N LYS D 214 18.54 -22.97 14.84
CA LYS D 214 17.40 -23.78 14.45
C LYS D 214 16.07 -23.06 14.64
N LEU D 215 16.08 -21.72 14.63
CA LEU D 215 14.86 -20.94 14.84
C LEU D 215 14.44 -20.27 13.54
N ASP D 216 13.12 -20.16 13.37
CA ASP D 216 12.53 -19.47 12.21
C ASP D 216 12.29 -18.02 12.61
N ARG D 217 13.22 -17.14 12.23
CA ARG D 217 13.08 -15.73 12.57
C ARG D 217 12.16 -14.98 11.61
N PHE D 218 11.88 -15.55 10.44
CA PHE D 218 11.08 -14.90 9.41
C PHE D 218 9.60 -15.01 9.79
N LYS D 219 9.22 -14.24 10.80
CA LYS D 219 7.86 -14.25 11.33
C LYS D 219 7.73 -13.11 12.34
N GLU D 220 6.51 -12.90 12.81
CA GLU D 220 6.30 -12.05 13.97
C GLU D 220 6.76 -12.79 15.22
N PRO D 221 7.54 -12.16 16.09
CA PRO D 221 8.03 -12.85 17.28
C PRO D 221 6.89 -13.29 18.17
N PRO D 222 6.82 -14.58 18.51
CA PRO D 222 5.72 -15.08 19.35
C PRO D 222 5.88 -14.59 20.78
N ALA D 223 4.81 -14.78 21.56
CA ALA D 223 4.83 -14.42 22.97
C ALA D 223 5.57 -15.42 23.84
N TYR D 224 5.90 -16.60 23.29
CA TYR D 224 6.60 -17.63 24.04
C TYR D 224 7.62 -18.30 23.12
N GLY D 225 8.56 -19.01 23.74
CA GLY D 225 9.56 -19.74 22.99
C GLY D 225 10.92 -19.06 23.00
N PRO D 226 11.92 -19.73 22.41
CA PRO D 226 13.28 -19.17 22.43
C PRO D 226 13.41 -17.88 21.64
N MET D 227 12.63 -17.71 20.56
CA MET D 227 12.69 -16.48 19.78
C MET D 227 12.15 -15.29 20.57
N CYS D 228 11.22 -15.55 21.50
CA CYS D 228 10.67 -14.48 22.31
C CYS D 228 11.65 -14.02 23.39
N ASP D 229 12.41 -14.95 23.96
CA ASP D 229 13.31 -14.62 25.07
C ASP D 229 14.63 -14.03 24.59
N ILE D 230 15.00 -14.22 23.33
CA ILE D 230 16.19 -13.56 22.81
C ILE D 230 15.99 -12.05 22.78
N LEU D 231 14.76 -11.60 22.56
CA LEU D 231 14.46 -10.18 22.41
C LEU D 231 13.88 -9.54 23.66
N TRP D 232 13.19 -10.30 24.50
CA TRP D 232 12.44 -9.72 25.62
C TRP D 232 13.08 -9.94 26.98
N SER D 233 13.87 -10.99 27.17
CA SER D 233 14.33 -11.36 28.50
C SER D 233 15.24 -10.29 29.08
N ASP D 234 15.11 -10.07 30.39
CA ASP D 234 15.92 -9.14 31.15
C ASP D 234 16.71 -9.88 32.21
N PRO D 235 17.85 -9.33 32.63
CA PRO D 235 18.54 -9.88 33.81
C PRO D 235 17.81 -9.50 35.08
N LEU D 236 18.08 -10.26 36.14
CA LEU D 236 17.48 -9.96 37.44
C LEU D 236 17.96 -8.60 37.94
N GLU D 237 17.12 -7.95 38.75
CA GLU D 237 17.50 -6.66 39.30
C GLU D 237 18.71 -6.79 40.22
N ASP D 238 18.76 -7.85 41.02
CA ASP D 238 19.92 -8.16 41.85
C ASP D 238 20.81 -9.19 41.18
N PHE D 239 21.06 -9.00 39.88
CA PHE D 239 21.91 -9.92 39.13
C PHE D 239 23.31 -9.95 39.73
N GLY D 240 23.81 -11.16 39.99
CA GLY D 240 25.10 -11.36 40.59
C GLY D 240 25.05 -11.64 42.08
N ASN D 241 24.05 -11.08 42.77
CA ASN D 241 23.89 -11.33 44.20
C ASN D 241 22.52 -11.93 44.46
N GLU D 242 22.23 -13.08 43.84
CA GLU D 242 20.92 -13.69 43.96
C GLU D 242 20.71 -14.23 45.38
N LYS D 243 19.44 -14.34 45.74
CA LYS D 243 19.05 -14.94 47.02
C LYS D 243 18.78 -16.44 46.88
N THR D 244 18.11 -16.84 45.80
CA THR D 244 17.82 -18.25 45.54
C THR D 244 18.01 -18.59 44.07
N GLU D 246 15.92 -20.13 40.34
CA GLU D 246 16.08 -21.34 39.54
C GLU D 246 16.52 -21.00 38.13
N HIS D 247 17.56 -20.16 38.04
CA HIS D 247 18.20 -19.77 36.78
C HIS D 247 17.30 -18.96 35.87
N PHE D 248 16.02 -19.31 35.78
CA PHE D 248 15.06 -18.56 34.95
C PHE D 248 13.77 -18.37 35.73
N THR D 249 13.51 -17.15 36.17
CA THR D 249 12.27 -16.75 36.81
C THR D 249 11.45 -15.89 35.85
N HIS D 250 10.13 -16.01 35.95
CA HIS D 250 9.25 -15.25 35.09
C HIS D 250 9.53 -13.75 35.20
N ASN D 251 9.60 -13.08 34.05
CA ASN D 251 9.86 -11.65 34.00
C ASN D 251 8.58 -10.91 34.35
N THR D 252 8.46 -10.51 35.62
CA THR D 252 7.25 -9.82 36.08
C THR D 252 7.16 -8.40 35.54
N VAL D 253 8.28 -7.80 35.12
CA VAL D 253 8.23 -6.44 34.60
C VAL D 253 7.68 -6.44 33.17
N ARG D 254 8.18 -7.35 32.34
CA ARG D 254 7.76 -7.43 30.94
C ARG D 254 6.47 -8.19 30.75
N GLY D 255 5.99 -8.93 31.76
CA GLY D 255 4.83 -9.77 31.60
C GLY D 255 5.02 -10.97 30.71
N CYS D 256 6.10 -11.04 29.95
CA CYS D 256 6.46 -12.18 29.13
C CYS D 256 7.93 -12.50 29.34
N SER D 257 8.37 -13.59 28.72
CA SER D 257 9.75 -14.05 28.83
C SER D 257 10.14 -14.31 30.28
N TYR D 258 11.43 -14.25 30.59
CA TYR D 258 11.93 -14.64 31.91
C TYR D 258 13.02 -13.69 32.37
N PHE D 259 13.37 -13.81 33.65
CA PHE D 259 14.57 -13.22 34.21
C PHE D 259 15.66 -14.29 34.26
N TYR D 260 16.86 -13.96 33.77
CA TYR D 260 17.99 -14.86 33.86
C TYR D 260 18.95 -14.40 34.94
N SER D 261 19.51 -15.35 35.67
CA SER D 261 20.29 -15.09 36.88
C SER D 261 21.78 -15.20 36.59
N TYR D 262 22.58 -14.94 37.64
CA TYR D 262 24.02 -15.05 37.51
C TYR D 262 24.48 -16.48 37.30
N PRO D 263 24.00 -17.48 38.05
CA PRO D 263 24.42 -18.87 37.74
C PRO D 263 23.99 -19.34 36.37
N ALA D 264 22.84 -18.87 35.88
CA ALA D 264 22.38 -19.27 34.56
C ALA D 264 23.30 -18.74 33.47
N VAL D 265 23.77 -17.51 33.60
CA VAL D 265 24.68 -16.95 32.61
C VAL D 265 26.04 -17.64 32.68
N CYS D 266 26.55 -17.86 33.89
CA CYS D 266 27.85 -18.49 34.04
C CYS D 266 27.83 -19.96 33.59
N GLU D 267 26.71 -20.64 33.77
CA GLU D 267 26.62 -22.02 33.28
C GLU D 267 26.50 -22.06 31.76
N PHE D 268 25.80 -21.09 31.17
CA PHE D 268 25.66 -21.05 29.72
C PHE D 268 26.99 -20.71 29.05
N LEU D 269 27.76 -19.80 29.66
CA LEU D 269 29.06 -19.45 29.11
C LEU D 269 30.05 -20.61 29.25
N GLN D 270 30.07 -21.27 30.41
CA GLN D 270 30.96 -22.39 30.64
C GLN D 270 30.58 -23.63 29.85
N HIS D 271 29.50 -23.58 29.06
CA HIS D 271 29.10 -24.70 28.21
C HIS D 271 29.51 -24.51 26.76
N ASN D 272 29.46 -23.26 26.25
CA ASN D 272 29.81 -22.96 24.87
C ASN D 272 31.16 -22.26 24.75
N ASN D 273 31.94 -22.21 25.82
CA ASN D 273 33.28 -21.61 25.82
C ASN D 273 33.22 -20.13 25.42
N LEU D 274 32.16 -19.44 25.83
CA LEU D 274 32.01 -18.02 25.59
C LEU D 274 32.44 -17.23 26.82
N LEU D 275 32.87 -15.99 26.59
CA LEU D 275 33.39 -15.16 27.66
C LEU D 275 32.31 -14.29 28.31
N SER D 276 31.51 -13.61 27.50
CA SER D 276 30.49 -12.71 28.02
C SER D 276 29.27 -12.72 27.11
N ILE D 277 28.23 -12.02 27.54
CA ILE D 277 26.97 -11.93 26.80
C ILE D 277 26.65 -10.44 26.65
N LEU D 278 26.83 -9.92 25.44
CA LEU D 278 26.53 -8.52 25.16
C LEU D 278 25.07 -8.38 24.78
N ARG D 279 24.42 -7.35 25.31
CA ARG D 279 23.01 -7.14 25.06
C ARG D 279 22.66 -5.68 25.34
N ALA D 280 21.47 -5.28 24.87
CA ALA D 280 20.98 -3.92 25.07
C ALA D 280 19.67 -4.03 25.84
N HIS D 281 18.55 -3.56 25.28
CA HIS D 281 17.20 -3.81 25.80
C HIS D 281 16.91 -3.11 27.13
N GLU D 282 17.95 -2.66 27.83
CA GLU D 282 17.76 -1.96 29.09
C GLU D 282 18.53 -0.65 29.09
N ALA D 283 17.93 0.37 29.71
CA ALA D 283 18.54 1.69 29.79
C ALA D 283 19.51 1.75 30.96
N GLN D 284 20.67 2.36 30.73
CA GLN D 284 21.70 2.52 31.75
C GLN D 284 22.04 3.99 31.89
N ASP D 285 22.18 4.44 33.14
CA ASP D 285 22.45 5.85 33.41
C ASP D 285 23.75 6.31 32.77
N ALA D 286 24.76 5.43 32.74
CA ALA D 286 26.05 5.73 32.15
C ALA D 286 26.18 5.23 30.71
N GLY D 287 25.07 4.78 30.11
CA GLY D 287 25.11 4.23 28.78
C GLY D 287 25.63 2.81 28.68
N TYR D 288 26.04 2.22 29.81
CA TYR D 288 26.56 0.86 29.82
C TYR D 288 26.54 0.35 31.25
N ARG D 289 26.55 -0.98 31.38
CA ARG D 289 26.64 -1.61 32.69
C ARG D 289 27.36 -2.94 32.56
N MET D 290 28.39 -3.13 33.37
CA MET D 290 29.15 -4.37 33.41
C MET D 290 28.79 -5.10 34.70
N TYR D 291 28.15 -6.26 34.56
CA TYR D 291 27.65 -7.01 35.71
C TYR D 291 28.80 -7.79 36.35
N ARG D 292 28.46 -8.65 37.31
CA ARG D 292 29.47 -9.36 38.08
C ARG D 292 30.32 -10.25 37.18
N LYS D 293 31.63 -10.28 37.47
CA LYS D 293 32.56 -11.07 36.70
C LYS D 293 32.41 -12.55 37.04
N SER D 294 32.54 -13.39 36.01
CA SER D 294 32.46 -14.83 36.22
C SER D 294 33.65 -15.32 37.02
N GLN D 295 33.39 -16.24 37.95
CA GLN D 295 34.46 -16.74 38.81
C GLN D 295 35.51 -17.51 38.02
N THR D 296 35.12 -18.14 36.92
CA THR D 296 36.06 -18.94 36.14
C THR D 296 36.91 -18.09 35.21
N THR D 297 36.32 -17.05 34.62
CA THR D 297 37.01 -16.25 33.61
C THR D 297 37.50 -14.90 34.12
N GLY D 298 36.95 -14.41 35.22
CA GLY D 298 37.35 -13.10 35.72
C GLY D 298 36.89 -11.94 34.86
N PHE D 299 35.99 -12.17 33.91
CA PHE D 299 35.44 -11.16 33.03
C PHE D 299 33.94 -11.01 33.29
N PRO D 300 33.39 -9.81 33.16
CA PRO D 300 31.95 -9.62 33.39
C PRO D 300 31.11 -10.57 32.53
N SER D 301 30.24 -11.32 33.20
CA SER D 301 29.40 -12.29 32.50
C SER D 301 28.34 -11.63 31.64
N LEU D 302 27.97 -10.38 31.94
CA LEU D 302 26.92 -9.69 31.22
C LEU D 302 27.28 -8.23 31.07
N ILE D 303 26.97 -7.66 29.91
CA ILE D 303 27.24 -6.25 29.62
C ILE D 303 26.03 -5.68 28.90
N THR D 304 25.38 -4.69 29.50
CA THR D 304 24.28 -3.98 28.89
C THR D 304 24.80 -2.71 28.24
N ILE D 305 24.36 -2.43 27.01
CA ILE D 305 24.80 -1.27 26.26
C ILE D 305 23.56 -0.48 25.86
N PHE D 306 23.61 0.85 26.03
CA PHE D 306 22.51 1.74 25.68
C PHE D 306 23.06 2.88 24.84
N SER D 307 22.55 3.01 23.61
CA SER D 307 23.06 3.96 22.64
C SER D 307 22.06 5.08 22.35
N ALA D 308 21.35 5.53 23.37
CA ALA D 308 20.38 6.61 23.24
C ALA D 308 20.62 7.65 24.34
N PRO D 309 21.34 8.73 24.04
CA PRO D 309 21.57 9.75 25.07
C PRO D 309 20.34 10.60 25.29
N ASN D 310 20.10 10.93 26.56
CA ASN D 310 18.92 11.68 26.99
C ASN D 310 17.63 11.00 26.49
N TYR D 311 17.41 9.80 27.02
CA TYR D 311 16.31 8.96 26.57
C TYR D 311 14.97 9.64 26.84
N LEU D 312 14.13 9.68 25.80
CA LEU D 312 12.81 10.31 25.84
C LEU D 312 12.88 11.79 26.23
N ASP D 313 14.06 12.40 26.06
CA ASP D 313 14.30 13.81 26.35
C ASP D 313 14.10 14.15 27.83
N VAL D 314 14.10 13.15 28.71
CA VAL D 314 13.81 13.39 30.13
C VAL D 314 14.77 12.60 31.00
N TYR D 315 15.32 11.50 30.49
CA TYR D 315 16.14 10.62 31.31
C TYR D 315 17.47 11.25 31.70
N ASN D 316 18.00 12.14 30.87
CA ASN D 316 19.28 12.81 31.13
C ASN D 316 20.38 11.78 31.37
N ASN D 317 20.42 10.77 30.52
CA ASN D 317 21.37 9.68 30.63
C ASN D 317 22.41 9.77 29.52
N LYS D 318 23.60 9.25 29.80
CA LYS D 318 24.61 9.12 28.76
C LYS D 318 24.38 7.86 27.95
N ALA D 319 25.03 7.80 26.79
CA ALA D 319 24.95 6.64 25.91
C ALA D 319 26.35 6.26 25.47
N ALA D 320 26.58 4.96 25.28
CA ALA D 320 27.92 4.46 25.01
C ALA D 320 27.88 3.42 23.89
N VAL D 321 28.99 3.31 23.18
CA VAL D 321 29.20 2.28 22.17
C VAL D 321 30.39 1.42 22.62
N LEU D 322 30.34 0.15 22.26
CA LEU D 322 31.39 -0.81 22.62
C LEU D 322 32.26 -1.02 21.39
N LYS D 323 33.41 -0.34 21.34
CA LYS D 323 34.32 -0.43 20.21
C LYS D 323 35.41 -1.45 20.56
N TYR D 324 35.14 -2.71 20.26
CA TYR D 324 36.13 -3.76 20.47
C TYR D 324 37.23 -3.63 19.42
N GLU D 325 38.48 -3.66 19.89
CA GLU D 325 39.63 -3.55 19.00
C GLU D 325 40.86 -4.05 19.73
N ASN D 326 41.72 -4.75 19.01
CA ASN D 326 42.91 -5.41 19.59
C ASN D 326 42.38 -6.35 20.68
N ASN D 327 42.97 -6.38 21.87
CA ASN D 327 42.41 -7.09 23.01
C ASN D 327 41.94 -6.09 24.08
N VAL D 328 41.29 -5.02 23.64
CA VAL D 328 40.81 -3.96 24.52
C VAL D 328 39.39 -3.60 24.09
N MET D 329 38.48 -3.52 25.06
CA MET D 329 37.10 -3.12 24.82
C MET D 329 36.93 -1.70 25.37
N ASN D 330 37.09 -0.71 24.50
CA ASN D 330 37.05 0.70 24.90
C ASN D 330 35.61 1.21 24.81
N ILE D 331 34.95 1.31 25.95
CA ILE D 331 33.59 1.84 26.02
C ILE D 331 33.67 3.35 25.90
N ARG D 332 33.23 3.89 24.77
CA ARG D 332 33.18 5.33 24.55
C ARG D 332 31.75 5.81 24.76
N GLN D 333 31.59 6.83 25.58
CA GLN D 333 30.28 7.42 25.86
C GLN D 333 30.07 8.66 24.99
N PHE D 334 28.82 9.09 24.91
CA PHE D 334 28.48 10.28 24.13
C PHE D 334 27.17 10.87 24.65
N ASN D 335 27.02 12.18 24.48
CA ASN D 335 25.87 12.92 24.97
C ASN D 335 24.89 13.18 23.84
N CYS D 336 23.87 14.00 24.12
CA CYS D 336 22.77 14.22 23.19
C CYS D 336 23.06 15.37 22.23
N SER D 337 22.33 15.36 21.12
CA SER D 337 22.39 16.37 20.07
C SER D 337 21.03 17.04 19.89
N PRO D 338 21.01 18.30 19.44
CA PRO D 338 19.72 18.97 19.24
C PRO D 338 18.92 18.33 18.11
N HIS D 339 17.62 18.21 18.33
CA HIS D 339 16.69 17.65 17.35
C HIS D 339 15.45 18.51 17.30
N PRO D 340 14.78 18.57 16.15
CA PRO D 340 13.56 19.37 16.05
C PRO D 340 12.45 18.82 16.94
N TYR D 341 11.58 19.71 17.36
CA TYR D 341 10.48 19.35 18.25
C TYR D 341 9.28 18.88 17.44
N TRP D 342 8.63 17.83 17.92
CA TRP D 342 7.39 17.31 17.36
C TRP D 342 6.32 17.28 18.43
N LEU D 343 5.08 17.53 18.03
CA LEU D 343 3.96 17.32 18.93
C LEU D 343 3.80 15.83 19.19
N PRO D 344 3.34 15.45 20.39
CA PRO D 344 3.17 14.03 20.70
C PRO D 344 2.30 13.33 19.66
N ASN D 345 2.73 12.14 19.27
CA ASN D 345 2.05 11.31 18.27
C ASN D 345 1.96 12.02 16.92
N PHE D 346 2.94 12.85 16.61
CA PHE D 346 3.09 13.48 15.29
C PHE D 346 1.82 14.20 14.88
N MET D 347 1.36 15.10 15.74
CA MET D 347 0.10 15.81 15.54
C MET D 347 0.37 17.18 14.94
N ASP D 348 -0.55 17.61 14.07
CA ASP D 348 -0.48 18.94 13.47
C ASP D 348 -1.04 19.99 14.42
N VAL D 349 -0.67 21.24 14.19
CA VAL D 349 -1.15 22.33 15.04
C VAL D 349 -2.64 22.59 14.83
N PHE D 350 -3.19 22.21 13.67
CA PHE D 350 -4.63 22.32 13.46
C PHE D 350 -5.40 21.38 14.38
N THR D 351 -5.07 20.08 14.33
CA THR D 351 -5.72 19.12 15.19
C THR D 351 -5.42 19.39 16.66
N TRP D 352 -4.29 20.04 16.94
CA TRP D 352 -3.89 20.31 18.32
C TRP D 352 -4.58 21.54 18.89
N SER D 353 -4.92 22.52 18.06
CA SER D 353 -5.50 23.77 18.52
C SER D 353 -7.00 23.90 18.26
N LEU D 354 -7.54 23.20 17.25
CA LEU D 354 -8.95 23.35 16.93
C LEU D 354 -9.89 22.98 18.07
N PRO D 355 -9.66 21.92 18.85
CA PRO D 355 -10.48 21.73 20.05
C PRO D 355 -10.41 22.90 21.01
N PHE D 356 -9.23 23.52 21.14
CA PHE D 356 -9.12 24.72 21.96
C PHE D 356 -9.79 25.92 21.29
N VAL D 357 -9.83 25.93 19.96
CA VAL D 357 -10.49 27.03 19.25
C VAL D 357 -12.00 26.94 19.40
N GLY D 358 -12.56 25.77 19.13
CA GLY D 358 -14.01 25.61 19.22
C GLY D 358 -14.55 25.80 20.62
N GLU D 359 -13.73 25.48 21.63
CA GLU D 359 -14.15 25.63 23.03
C GLU D 359 -14.14 27.09 23.45
N LYS D 360 -12.97 27.73 23.42
CA LYS D 360 -12.84 29.06 24.00
C LYS D 360 -13.62 30.11 23.20
N VAL D 361 -13.85 29.87 21.92
CA VAL D 361 -14.70 30.76 21.14
C VAL D 361 -16.15 30.60 21.55
N THR D 362 -16.63 29.35 21.64
CA THR D 362 -17.98 29.11 22.11
C THR D 362 -18.14 29.46 23.59
N GLU D 363 -17.07 29.29 24.38
CA GLU D 363 -17.11 29.72 25.77
C GLU D 363 -17.42 31.21 25.88
N MET D 364 -16.87 32.01 24.95
CA MET D 364 -17.15 33.45 24.94
C MET D 364 -18.60 33.71 24.53
N LEU D 365 -19.08 33.02 23.49
CA LEU D 365 -20.41 33.29 22.96
C LEU D 365 -21.50 32.97 23.96
N VAL D 366 -21.27 32.00 24.85
CA VAL D 366 -22.27 31.65 25.86
C VAL D 366 -22.34 32.75 26.92
N ASN D 367 -21.19 33.21 27.39
CA ASN D 367 -21.17 34.23 28.44
C ASN D 367 -21.66 35.58 27.92
N VAL D 368 -21.48 35.85 26.63
CA VAL D 368 -21.95 37.11 26.07
C VAL D 368 -23.47 37.17 26.07
N LEU D 369 -24.11 36.09 25.60
CA LEU D 369 -25.58 36.07 25.56
C LEU D 369 -26.16 35.81 26.93
N ASN D 370 -25.56 34.89 27.70
CA ASN D 370 -26.01 34.56 29.05
C ASN D 370 -27.47 34.13 29.07
N ASP E 2 -34.74 34.71 12.69
CA ASP E 2 -36.11 35.16 12.96
C ASP E 2 -36.09 36.48 13.73
N ALA E 3 -37.15 37.27 13.55
CA ALA E 3 -37.26 38.53 14.27
C ALA E 3 -37.38 38.31 15.77
N ASP E 4 -37.88 37.15 16.20
CA ASP E 4 -37.91 36.85 17.62
C ASP E 4 -36.50 36.69 18.19
N GLU E 5 -35.61 36.06 17.42
CA GLU E 5 -34.23 35.92 17.87
C GLU E 5 -33.52 37.27 17.94
N ILE E 6 -33.87 38.20 17.04
CA ILE E 6 -33.21 39.50 17.02
C ILE E 6 -33.57 40.30 18.28
N LYS E 7 -34.81 40.18 18.75
CA LYS E 7 -35.23 40.95 19.92
C LYS E 7 -34.48 40.52 21.18
N ARG E 8 -34.25 39.22 21.34
CA ARG E 8 -33.54 38.75 22.53
C ARG E 8 -32.07 39.14 22.49
N LEU E 9 -31.45 39.11 21.30
CA LEU E 9 -30.07 39.55 21.20
C LEU E 9 -29.94 41.07 21.26
N GLY E 10 -31.01 41.80 20.92
CA GLY E 10 -30.97 43.24 21.06
C GLY E 10 -30.92 43.68 22.51
N LYS E 11 -31.66 42.99 23.39
CA LYS E 11 -31.64 43.32 24.81
C LYS E 11 -30.25 43.12 25.41
N ARG E 12 -29.49 42.16 24.89
CA ARG E 12 -28.13 41.91 25.35
C ARG E 12 -27.12 42.82 24.67
N PHE E 13 -27.39 43.25 23.44
CA PHE E 13 -26.47 44.13 22.73
C PHE E 13 -26.39 45.49 23.42
N LYS E 14 -27.55 46.13 23.63
CA LYS E 14 -27.58 47.43 24.29
C LYS E 14 -27.16 47.34 25.76
N LYS E 15 -27.33 46.17 26.38
CA LYS E 15 -26.79 45.98 27.72
C LYS E 15 -25.27 46.08 27.73
N LEU E 16 -24.62 45.59 26.67
CA LEU E 16 -23.18 45.75 26.53
C LEU E 16 -22.80 47.09 25.92
N ASP E 17 -23.70 47.73 25.18
CA ASP E 17 -23.43 49.05 24.61
C ASP E 17 -23.71 50.10 25.69
N LEU E 18 -22.66 50.42 26.45
CA LEU E 18 -22.81 51.37 27.55
C LEU E 18 -23.13 52.76 27.03
N ASP E 19 -22.29 53.28 26.12
CA ASP E 19 -22.48 54.63 25.59
C ASP E 19 -23.63 54.74 24.61
N ASN E 20 -24.38 53.65 24.38
CA ASN E 20 -25.54 53.66 23.48
C ASN E 20 -25.13 54.13 22.07
N SER E 21 -23.98 53.66 21.60
CA SER E 21 -23.45 54.06 20.30
C SER E 21 -23.78 53.08 19.19
N GLY E 22 -24.41 51.95 19.51
CA GLY E 22 -24.68 50.95 18.49
C GLY E 22 -23.44 50.23 17.99
N SER E 23 -22.34 50.28 18.73
CA SER E 23 -21.09 49.66 18.31
C SER E 23 -20.37 49.15 19.54
N LEU E 24 -20.12 47.84 19.59
CA LEU E 24 -19.46 47.22 20.71
C LEU E 24 -17.95 47.21 20.47
N SER E 25 -17.21 47.90 21.34
CA SER E 25 -15.77 47.97 21.23
C SER E 25 -15.12 46.81 21.98
N VAL E 26 -13.79 46.73 21.92
CA VAL E 26 -13.08 45.68 22.63
C VAL E 26 -13.18 45.89 24.13
N GLU E 27 -13.08 47.16 24.58
CA GLU E 27 -13.21 47.46 26.00
C GLU E 27 -14.62 47.16 26.50
N GLU E 28 -15.63 47.38 25.66
CA GLU E 28 -17.01 47.07 26.06
C GLU E 28 -17.20 45.57 26.26
N PHE E 29 -16.41 44.74 25.56
CA PHE E 29 -16.45 43.30 25.81
C PHE E 29 -15.78 42.95 27.12
N MET E 30 -14.63 43.59 27.42
CA MET E 30 -13.87 43.24 28.60
C MET E 30 -14.56 43.63 29.90
N SER E 31 -15.68 44.35 29.83
CA SER E 31 -16.48 44.62 31.02
C SER E 31 -17.12 43.35 31.58
N LEU E 32 -17.14 42.27 30.81
CA LEU E 32 -17.67 40.99 31.30
C LEU E 32 -16.55 40.21 31.95
N PRO E 33 -16.69 39.79 33.21
CA PRO E 33 -15.61 39.04 33.86
C PRO E 33 -15.34 37.69 33.21
N GLU E 34 -16.36 37.06 32.64
CA GLU E 34 -16.25 35.74 32.02
C GLU E 34 -15.50 35.75 30.69
N LEU E 35 -14.85 36.86 30.33
CA LEU E 35 -14.04 36.92 29.12
C LEU E 35 -12.60 37.30 29.48
N GLN E 36 -12.07 38.33 28.81
CA GLN E 36 -10.75 38.88 29.11
C GLN E 36 -9.64 37.86 28.94
N GLN E 37 -9.48 36.96 29.92
CA GLN E 37 -8.39 36.00 29.88
C GLN E 37 -8.50 35.03 28.70
N ASN E 38 -9.69 34.91 28.10
CA ASN E 38 -9.84 34.08 26.92
C ASN E 38 -8.99 34.64 25.79
N PRO E 39 -8.10 33.84 25.20
CA PRO E 39 -7.18 34.40 24.18
C PRO E 39 -7.87 34.77 22.88
N LEU E 40 -8.89 34.02 22.45
CA LEU E 40 -9.50 34.22 21.15
C LEU E 40 -10.66 35.20 21.18
N VAL E 41 -10.70 36.12 22.14
CA VAL E 41 -11.75 37.12 22.17
C VAL E 41 -11.57 38.12 21.04
N GLN E 42 -10.36 38.65 20.88
CA GLN E 42 -10.10 39.62 19.81
C GLN E 42 -10.25 38.99 18.43
N ARG E 43 -9.95 37.70 18.30
CA ARG E 43 -10.13 37.03 17.02
C ARG E 43 -11.61 36.95 16.64
N VAL E 44 -12.47 36.64 17.60
CA VAL E 44 -13.91 36.62 17.34
C VAL E 44 -14.39 38.02 16.98
N ILE E 45 -13.85 39.04 17.63
CA ILE E 45 -14.26 40.41 17.35
C ILE E 45 -13.90 40.79 15.93
N ASP E 46 -12.72 40.40 15.46
CA ASP E 46 -12.30 40.73 14.10
C ASP E 46 -13.18 40.05 13.06
N ILE E 47 -13.68 38.85 13.36
CA ILE E 47 -14.54 38.16 12.40
C ILE E 47 -15.93 38.77 12.39
N PHE E 48 -16.43 39.17 13.56
CA PHE E 48 -17.73 39.84 13.61
C PHE E 48 -17.70 41.19 12.91
N ASP E 49 -16.61 41.93 13.05
CA ASP E 49 -16.45 43.21 12.38
C ASP E 49 -16.18 42.95 10.90
N THR E 50 -17.22 43.06 10.08
CA THR E 50 -17.07 42.80 8.65
C THR E 50 -16.50 44.01 7.92
N ASP E 51 -16.90 45.23 8.34
CA ASP E 51 -16.42 46.44 7.70
C ASP E 51 -15.03 46.88 8.18
N GLY E 52 -14.46 46.17 9.16
CA GLY E 52 -13.11 46.46 9.60
C GLY E 52 -12.93 47.79 10.30
N ASN E 53 -13.93 48.25 11.03
CA ASN E 53 -13.85 49.50 11.76
C ASN E 53 -13.46 49.31 13.22
N GLY E 54 -13.33 48.07 13.69
CA GLY E 54 -12.97 47.82 15.07
C GLY E 54 -14.13 47.37 15.92
N GLU E 55 -15.25 48.06 15.82
CA GLU E 55 -16.43 47.75 16.62
C GLU E 55 -17.35 46.78 15.88
N VAL E 56 -18.27 46.19 16.65
CA VAL E 56 -19.24 45.24 16.12
C VAL E 56 -20.61 45.89 16.20
N ASP E 57 -21.21 46.16 15.05
CA ASP E 57 -22.56 46.69 15.01
C ASP E 57 -23.56 45.61 15.45
N PHE E 58 -24.83 46.01 15.58
CA PHE E 58 -25.84 45.03 15.91
C PHE E 58 -26.16 44.11 14.74
N LYS E 59 -26.08 44.62 13.51
CA LYS E 59 -26.23 43.77 12.34
C LYS E 59 -25.09 42.78 12.23
N GLU E 60 -23.85 43.25 12.48
CA GLU E 60 -22.71 42.33 12.51
C GLU E 60 -22.84 41.33 13.66
N PHE E 61 -23.38 41.78 14.79
CA PHE E 61 -23.57 40.89 15.93
C PHE E 61 -24.55 39.78 15.59
N ILE E 62 -25.57 40.10 14.78
CA ILE E 62 -26.54 39.08 14.37
C ILE E 62 -25.91 38.13 13.35
N GLU E 63 -25.28 38.70 12.32
CA GLU E 63 -24.68 37.89 11.27
C GLU E 63 -23.50 37.05 11.77
N GLY E 64 -22.92 37.42 12.92
CA GLY E 64 -21.84 36.66 13.49
C GLY E 64 -22.31 35.46 14.29
N VAL E 65 -23.24 35.69 15.23
CA VAL E 65 -23.79 34.61 16.03
C VAL E 65 -24.67 33.69 15.19
N SER E 66 -25.13 34.15 14.04
CA SER E 66 -25.98 33.33 13.18
C SER E 66 -25.26 32.07 12.71
N GLN E 67 -23.95 32.14 12.54
CA GLN E 67 -23.17 30.99 12.09
C GLN E 67 -22.88 30.00 13.22
N PHE E 68 -23.38 30.24 14.43
CA PHE E 68 -23.19 29.34 15.55
C PHE E 68 -24.49 28.68 16.00
N SER E 69 -25.60 28.97 15.33
CA SER E 69 -26.87 28.32 15.67
C SER E 69 -26.85 26.87 15.19
N VAL E 70 -27.82 26.10 15.68
CA VAL E 70 -27.94 24.71 15.27
C VAL E 70 -28.34 24.58 13.81
N LYS E 71 -28.88 25.64 13.23
CA LYS E 71 -29.29 25.61 11.82
C LYS E 71 -28.11 25.72 10.86
N GLY E 72 -26.96 26.18 11.34
CA GLY E 72 -25.80 26.31 10.46
C GLY E 72 -25.23 24.96 10.08
N ASP E 73 -24.87 24.82 8.81
CA ASP E 73 -24.37 23.56 8.30
C ASP E 73 -22.94 23.31 8.80
N LYS E 74 -22.36 22.20 8.33
CA LYS E 74 -21.03 21.81 8.80
C LYS E 74 -19.95 22.73 8.25
N GLU E 75 -20.12 23.20 7.00
CA GLU E 75 -19.08 24.02 6.39
C GLU E 75 -18.94 25.36 7.10
N GLN E 76 -20.05 25.98 7.48
CA GLN E 76 -19.97 27.28 8.14
C GLN E 76 -19.29 27.19 9.50
N LYS E 77 -19.44 26.06 10.20
CA LYS E 77 -18.72 25.88 11.45
C LYS E 77 -17.21 25.81 11.21
N LEU E 78 -16.80 25.10 10.15
CA LEU E 78 -15.39 25.08 9.76
C LEU E 78 -14.98 26.33 8.99
N ARG E 79 -15.94 27.06 8.44
CA ARG E 79 -15.62 28.34 7.80
C ARG E 79 -15.19 29.38 8.83
N PHE E 80 -15.87 29.42 9.98
CA PHE E 80 -15.47 30.34 11.04
C PHE E 80 -14.11 29.97 11.61
N ALA E 81 -13.87 28.67 11.83
CA ALA E 81 -12.59 28.23 12.36
C ALA E 81 -11.45 28.57 11.41
N PHE E 82 -11.70 28.51 10.10
CA PHE E 82 -10.69 28.90 9.13
C PHE E 82 -10.35 30.37 9.26
N ARG E 83 -11.36 31.21 9.51
CA ARG E 83 -11.15 32.65 9.65
C ARG E 83 -10.52 33.03 10.99
N ILE E 84 -10.47 32.11 11.95
CA ILE E 84 -9.73 32.36 13.18
C ILE E 84 -8.24 32.47 12.89
N TYR E 85 -7.71 31.54 12.08
CA TYR E 85 -6.30 31.59 11.72
C TYR E 85 -6.03 32.62 10.64
N ASP E 86 -6.93 32.74 9.66
CA ASP E 86 -6.78 33.72 8.58
C ASP E 86 -7.02 35.11 9.14
N MET E 87 -5.95 35.87 9.34
CA MET E 87 -6.06 37.18 9.96
C MET E 87 -6.45 38.25 8.96
N ASP E 88 -5.72 38.34 7.84
CA ASP E 88 -5.99 39.34 6.82
C ASP E 88 -7.22 39.04 5.98
N LYS E 89 -7.86 37.89 6.20
CA LYS E 89 -9.11 37.53 5.52
C LYS E 89 -8.94 37.52 4.00
N ASP E 90 -7.82 36.97 3.53
CA ASP E 90 -7.56 36.84 2.11
C ASP E 90 -7.92 35.48 1.55
N GLY E 91 -8.42 34.57 2.38
CA GLY E 91 -8.81 33.24 1.94
C GLY E 91 -7.78 32.16 2.14
N TYR E 92 -6.61 32.49 2.69
CA TYR E 92 -5.55 31.51 2.92
C TYR E 92 -4.93 31.76 4.28
N ILE E 93 -4.39 30.70 4.86
CA ILE E 93 -3.68 30.76 6.14
C ILE E 93 -2.19 30.73 5.85
N SER E 94 -1.50 31.82 6.16
CA SER E 94 -0.08 31.90 5.90
C SER E 94 0.70 31.27 7.05
N ASN E 95 2.03 31.22 6.90
CA ASN E 95 2.87 30.69 7.96
C ASN E 95 2.92 31.62 9.15
N GLY E 96 2.91 32.94 8.90
CA GLY E 96 2.90 33.89 10.00
C GLY E 96 1.55 33.96 10.69
N GLU E 97 0.46 33.81 9.94
CA GLU E 97 -0.86 33.80 10.56
C GLU E 97 -1.04 32.59 11.45
N LEU E 98 -0.62 31.41 10.97
CA LEU E 98 -0.72 30.20 11.79
C LEU E 98 0.23 30.24 12.99
N PHE E 99 1.29 31.06 12.92
CA PHE E 99 2.20 31.17 14.05
C PHE E 99 1.68 32.18 15.09
N GLN E 100 1.11 33.29 14.62
CA GLN E 100 0.63 34.31 15.54
C GLN E 100 -0.60 33.82 16.32
N VAL E 101 -1.57 33.25 15.61
CA VAL E 101 -2.79 32.79 16.27
C VAL E 101 -2.47 31.68 17.26
N LEU E 102 -1.55 30.78 16.89
CA LEU E 102 -1.10 29.76 17.84
C LEU E 102 -0.38 30.38 19.02
N LYS E 103 0.41 31.43 18.77
CA LYS E 103 1.11 32.11 19.87
C LYS E 103 0.13 32.80 20.80
N MET E 104 -0.99 33.29 20.28
CA MET E 104 -2.02 33.89 21.14
C MET E 104 -2.65 32.86 22.07
N MET E 105 -2.72 31.60 21.63
CA MET E 105 -3.41 30.56 22.39
C MET E 105 -2.48 29.83 23.34
N VAL E 106 -1.23 29.55 22.92
CA VAL E 106 -0.33 28.77 23.78
C VAL E 106 0.37 29.63 24.82
N GLY E 107 0.41 30.95 24.65
CA GLY E 107 1.12 31.80 25.57
C GLY E 107 2.62 31.52 25.57
N ASN E 108 3.11 30.98 26.68
CA ASN E 108 4.52 30.59 26.80
C ASN E 108 4.69 29.10 27.00
N ASN E 109 3.68 28.30 26.67
CA ASN E 109 3.77 26.85 26.82
C ASN E 109 4.82 26.26 25.88
N LEU E 110 5.09 26.92 24.76
CA LEU E 110 6.13 26.51 23.82
C LEU E 110 7.00 27.70 23.48
N LYS E 111 8.29 27.44 23.29
CA LYS E 111 9.21 28.49 22.87
C LYS E 111 8.92 28.89 21.42
N ASP E 112 9.36 30.10 21.06
CA ASP E 112 9.12 30.60 19.71
C ASP E 112 9.72 29.70 18.65
N THR E 113 10.86 29.06 18.96
CA THR E 113 11.48 28.14 18.02
C THR E 113 10.73 26.81 17.94
N GLN E 114 10.17 26.34 19.07
CA GLN E 114 9.44 25.09 19.05
C GLN E 114 8.14 25.21 18.26
N LEU E 115 7.43 26.34 18.44
CA LEU E 115 6.16 26.52 17.75
C LEU E 115 6.36 26.69 16.25
N GLN E 116 7.45 27.37 15.85
CA GLN E 116 7.70 27.62 14.43
C GLN E 116 7.92 26.32 13.67
N GLN E 117 8.55 25.33 14.30
CA GLN E 117 8.83 24.07 13.61
C GLN E 117 7.54 23.30 13.33
N ILE E 118 6.68 23.14 14.34
CA ILE E 118 5.44 22.40 14.16
C ILE E 118 4.46 23.15 13.26
N VAL E 119 4.60 24.47 13.15
CA VAL E 119 3.76 25.22 12.23
C VAL E 119 4.18 24.98 10.78
N ASP E 120 5.49 24.93 10.53
CA ASP E 120 5.98 24.70 9.17
C ASP E 120 5.61 23.31 8.67
N LYS E 121 5.82 22.29 9.50
CA LYS E 121 5.53 20.93 9.09
C LYS E 121 4.05 20.64 9.00
N THR E 122 3.21 21.38 9.71
CA THR E 122 1.77 21.24 9.55
C THR E 122 1.34 21.62 8.13
N ILE E 123 1.89 22.72 7.61
CA ILE E 123 1.57 23.14 6.25
C ILE E 123 2.14 22.16 5.23
N ILE E 124 3.31 21.58 5.51
CA ILE E 124 3.94 20.67 4.56
C ILE E 124 3.04 19.47 4.26
N ASN E 125 2.38 18.95 5.29
CA ASN E 125 1.46 17.82 5.12
C ASN E 125 0.05 18.26 4.76
N ALA E 126 -0.23 19.57 4.72
CA ALA E 126 -1.54 20.08 4.37
C ALA E 126 -1.57 20.90 3.09
N ASP E 127 -0.44 21.43 2.65
CA ASP E 127 -0.37 22.23 1.42
C ASP E 127 -0.28 21.27 0.24
N LYS E 128 -1.43 21.01 -0.40
CA LYS E 128 -1.46 20.08 -1.52
C LYS E 128 -1.07 20.72 -2.84
N ASP E 129 -1.22 22.04 -2.97
CA ASP E 129 -0.87 22.74 -4.20
C ASP E 129 0.56 23.23 -4.23
N GLY E 130 1.21 23.35 -3.08
CA GLY E 130 2.61 23.72 -3.01
C GLY E 130 2.89 25.21 -2.96
N ASP E 131 1.86 26.06 -2.92
CA ASP E 131 2.10 27.50 -2.89
C ASP E 131 2.67 27.98 -1.57
N GLY E 132 2.51 27.21 -0.50
CA GLY E 132 3.03 27.57 0.81
C GLY E 132 1.98 28.01 1.80
N ARG E 133 0.73 28.17 1.37
CA ARG E 133 -0.35 28.63 2.24
C ARG E 133 -1.41 27.53 2.35
N ILE E 134 -2.39 27.77 3.22
CA ILE E 134 -3.45 26.80 3.51
C ILE E 134 -4.76 27.42 3.07
N SER E 135 -5.31 26.92 1.96
CA SER E 135 -6.61 27.37 1.50
C SER E 135 -7.71 26.74 2.34
N PHE E 136 -8.96 27.15 2.08
CA PHE E 136 -10.08 26.64 2.85
C PHE E 136 -10.31 25.15 2.58
N GLU E 137 -10.11 24.73 1.33
CA GLU E 137 -10.25 23.30 1.02
C GLU E 137 -9.12 22.49 1.63
N GLU E 138 -7.90 23.04 1.63
CA GLU E 138 -6.79 22.36 2.28
C GLU E 138 -6.99 22.27 3.80
N PHE E 139 -7.61 23.29 4.39
CA PHE E 139 -7.83 23.29 5.83
C PHE E 139 -8.80 22.18 6.24
N CYS E 140 -9.84 21.95 5.43
CA CYS E 140 -10.83 20.93 5.75
C CYS E 140 -10.31 19.51 5.51
N ALA E 141 -9.29 19.36 4.65
CA ALA E 141 -8.71 18.03 4.43
C ALA E 141 -7.94 17.54 5.64
N VAL E 142 -7.47 18.44 6.48
CA VAL E 142 -6.76 18.06 7.71
C VAL E 142 -7.74 17.84 8.85
N VAL E 143 -8.73 18.73 9.00
CA VAL E 143 -9.71 18.59 10.07
C VAL E 143 -10.45 17.27 9.95
N GLY E 144 -11.08 17.04 8.80
CA GLY E 144 -11.81 15.81 8.57
C GLY E 144 -12.85 15.51 9.61
N GLY E 145 -13.43 16.56 10.20
CA GLY E 145 -14.35 16.40 11.31
C GLY E 145 -13.73 15.68 12.49
N LEU E 146 -12.56 16.15 12.93
CA LEU E 146 -11.86 15.50 14.03
C LEU E 146 -12.48 15.84 15.38
N ASP E 147 -13.79 15.60 15.52
CA ASP E 147 -14.51 15.87 16.75
C ASP E 147 -14.50 14.65 17.67
N LYS F 8 44.92 -12.92 26.72
CA LYS F 8 44.04 -14.04 27.05
C LYS F 8 42.60 -13.58 27.22
N LYS F 9 42.43 -12.34 27.68
CA LYS F 9 41.11 -11.76 27.88
C LYS F 9 41.17 -10.27 27.57
N PRO F 10 40.12 -9.70 26.98
CA PRO F 10 40.16 -8.28 26.61
C PRO F 10 40.15 -7.37 27.83
N LYS F 11 40.92 -6.30 27.76
CA LYS F 11 40.91 -5.26 28.78
C LYS F 11 39.80 -4.25 28.47
N ILE F 12 39.33 -3.58 29.52
CA ILE F 12 38.19 -2.67 29.41
C ILE F 12 38.62 -1.29 29.89
N ILE F 13 38.52 -0.30 29.00
CA ILE F 13 38.87 1.08 29.31
C ILE F 13 37.65 1.96 29.04
N ILE F 14 37.44 2.93 29.92
CA ILE F 14 36.28 3.83 29.82
C ILE F 14 36.74 5.19 29.30
N THR F 15 35.94 5.78 28.42
CA THR F 15 36.23 7.08 27.83
C THR F 15 35.02 7.98 28.04
N GLY F 16 35.25 9.15 28.64
CA GLY F 16 34.17 10.05 29.01
C GLY F 16 33.52 10.72 27.81
N CYS F 17 32.66 11.69 28.12
CA CYS F 17 31.90 12.38 27.09
C CYS F 17 31.33 13.71 27.59
N GLU F 18 31.48 13.99 28.88
CA GLU F 18 30.97 15.20 29.52
C GLU F 18 29.44 15.18 29.58
N ASP F 19 28.85 15.97 30.47
CA ASP F 19 27.43 15.94 30.74
C ASP F 19 26.63 16.43 29.53
N ASN F 20 25.35 16.05 29.50
CA ASN F 20 24.47 16.48 28.44
C ASN F 20 24.06 17.94 28.62
N VAL F 21 23.76 18.60 27.50
CA VAL F 21 23.35 20.00 27.52
C VAL F 21 22.14 20.20 26.62
N TYR F 22 20.98 19.72 27.06
CA TYR F 22 19.73 19.90 26.36
C TYR F 22 18.90 20.97 27.06
N GLU F 23 17.70 21.22 26.52
CA GLU F 23 16.79 22.21 27.07
C GLU F 23 15.48 21.57 27.47
N LYS F 24 14.93 22.01 28.59
CA LYS F 24 13.73 21.40 29.16
C LYS F 24 12.49 21.77 28.34
N LEU F 25 11.47 20.93 28.46
CA LEU F 25 10.16 21.26 27.89
C LEU F 25 9.45 22.24 28.80
N PRO F 26 8.98 23.37 28.27
CA PRO F 26 8.38 24.40 29.13
C PRO F 26 7.16 23.89 29.89
N GLU F 27 6.88 24.55 31.01
CA GLU F 27 5.75 24.19 31.85
C GLU F 27 4.45 24.65 31.20
N GLN F 28 3.51 23.73 31.07
CA GLN F 28 2.26 23.99 30.35
C GLN F 28 1.19 24.50 31.30
N ASN F 29 0.58 25.63 30.95
CA ASN F 29 -0.55 26.16 31.68
C ASN F 29 -1.83 25.60 31.08
N SER F 30 -2.61 24.88 31.90
CA SER F 30 -3.84 24.26 31.41
C SER F 30 -4.87 25.30 30.97
N ASN F 31 -4.78 26.53 31.47
CA ASN F 31 -5.70 27.58 31.03
C ASN F 31 -5.47 27.96 29.58
N PHE F 32 -4.29 27.69 29.03
CA PHE F 32 -3.96 27.96 27.65
C PHE F 32 -3.86 26.64 26.89
N LEU F 33 -3.53 26.74 25.60
CA LEU F 33 -3.35 25.55 24.77
C LEU F 33 -2.09 24.83 25.20
N ASP F 34 -2.25 23.74 25.94
CA ASP F 34 -1.13 22.99 26.49
C ASP F 34 -0.79 21.79 25.62
N VAL F 35 0.50 21.49 25.54
CA VAL F 35 0.96 20.30 24.82
C VAL F 35 0.39 19.06 25.49
N PRO F 36 -0.08 18.06 24.74
CA PRO F 36 -0.65 16.86 25.40
C PRO F 36 0.28 16.21 26.41
N GLU F 37 1.54 15.99 26.05
CA GLU F 37 2.50 15.37 26.95
C GLU F 37 3.87 16.02 26.82
N PRO F 46 9.26 -0.21 34.87
CA PRO F 46 9.21 1.23 35.14
C PRO F 46 10.21 2.02 34.28
N ARG F 47 11.07 2.80 34.93
CA ARG F 47 12.08 3.56 34.18
C ARG F 47 13.05 2.62 33.48
N ARG F 48 13.66 1.69 34.23
CA ARG F 48 14.43 0.61 33.64
C ARG F 48 13.51 -0.56 33.35
N ARG F 49 13.84 -1.30 32.28
CA ARG F 49 12.98 -2.35 31.74
C ARG F 49 11.65 -1.73 31.29
N ILE F 51 8.09 -0.84 29.77
CA ILE F 51 6.72 -1.28 29.47
C ILE F 51 6.64 -2.80 29.32
N ARG F 52 5.74 -3.27 28.47
CA ARG F 52 5.42 -4.68 28.33
C ARG F 52 4.47 -4.86 27.14
N PRO F 53 4.38 -6.07 26.58
CA PRO F 53 3.38 -6.34 25.54
C PRO F 53 1.95 -6.27 26.08
#